data_5TRO
#
_entry.id   5TRO
#
_cell.length_a   178.843
_cell.length_b   72.202
_cell.length_c   86.362
_cell.angle_alpha   90.00
_cell.angle_beta   103.18
_cell.angle_gamma   90.00
#
_symmetry.space_group_name_H-M   'C 1 2 1'
#
loop_
_entity.id
_entity.type
_entity.pdbx_description
1 polymer 'Penicillin-binding protein 1'
2 non-polymer 'CHLORIDE ION'
3 water water
#
_entity_poly.entity_id   1
_entity_poly.type   'polypeptide(L)'
_entity_poly.pdbx_seq_one_letter_code
;SNATGHSNGQDLV(MSE)KANEKYLVKNAQQPERGKIYDRNGKVLAEDVERYKLVAVIDKKASANSKKPRHVVDKKETAK
KLSTVIN(MSE)KPEEIEKRLSQKKAFQIEFGRKGTNLTYQDKLKIEK(MSE)NLPGISLLPETERFYPNGNFASHLIGR
AQKNPDTGELKGALGVEKIFDSYLSGSKGSLRYIHDIWGYIAPNTKKEKQPKRGDDVHLTIDSNIQVFVEEALDG(MSE)
VERYQPKDLFAVV(MSE)DAKTGEILAYSQRPTFNPETGKDFGKKWANDLYQNTYEPGSTFKSYGLAAAIQEGAFDPDKK
YKSGHRDI(MSE)GSRISDWNRVGWGEIP(MSE)SLGFTYSSNTL(MSE)(MSE)HLQDLVGADK(MSE)KSWYERFGFG
KSTKG(MSE)FDGEAPGQIGWSNELQQKTSSFGQSTTVTPVQ(MSE)LQAQSAFFNDGN(MSE)LKPWFVNSVENPVSKR
QFYKGQKQIAGKPITKDTAEKVEKQLDLVVNSKKSHAANYRIDGYEVEGKTGTAQVAAPNGGGYVKGPNPYFVSF(MSE)
GDAPKKNPKVIVYAG(MSE)SLAQKNDQEAYELGVSKAFKPI(MSE)ENTLKYLNVGKSKDDTSNAEYSKVPDVEGQ
;
_entity_poly.pdbx_strand_id   A,B
#
loop_
_chem_comp.id
_chem_comp.type
_chem_comp.name
_chem_comp.formula
CL non-polymer 'CHLORIDE ION' 'Cl -1'
#
# COMPACT_ATOMS: atom_id res chain seq x y z
N GLN A 26 14.87 -3.41 18.45
CA GLN A 26 15.42 -2.11 17.99
C GLN A 26 15.73 -2.12 16.50
N GLN A 27 14.87 -1.45 15.75
CA GLN A 27 15.06 -1.30 14.31
C GLN A 27 16.12 -0.23 14.06
N PRO A 28 16.78 -0.26 12.90
CA PRO A 28 17.67 0.85 12.61
C PRO A 28 16.78 2.05 12.35
N GLU A 29 17.34 3.25 12.49
CA GLU A 29 16.56 4.44 12.23
C GLU A 29 16.32 4.57 10.72
N ARG A 30 15.07 4.75 10.33
CA ARG A 30 14.72 4.91 8.93
C ARG A 30 15.20 6.30 8.52
N GLY A 31 15.75 6.41 7.31
CA GLY A 31 16.21 7.67 6.80
C GLY A 31 15.10 8.69 6.71
N LYS A 32 15.52 9.95 6.63
CA LYS A 32 14.61 11.07 6.51
C LYS A 32 14.33 11.46 5.08
N ILE A 33 13.17 12.06 4.86
CA ILE A 33 12.81 12.64 3.59
C ILE A 33 12.89 14.15 3.84
N TYR A 34 13.70 14.83 3.03
CA TYR A 34 13.89 16.28 3.14
C TYR A 34 13.41 17.04 1.94
N ASP A 35 13.10 18.33 2.14
CA ASP A 35 12.79 19.19 1.00
C ASP A 35 14.14 19.75 0.50
N ARG A 36 14.09 20.63 -0.50
CA ARG A 36 15.35 21.10 -1.16
C ARG A 36 16.18 22.02 -0.27
N ASN A 37 15.56 22.54 0.79
CA ASN A 37 16.20 23.45 1.75
C ASN A 37 16.59 22.78 3.07
N GLY A 38 16.47 21.44 3.13
CA GLY A 38 16.85 20.70 4.32
C GLY A 38 15.78 20.63 5.40
N LYS A 39 14.54 21.00 5.07
CA LYS A 39 13.44 20.93 6.03
C LYS A 39 12.93 19.50 6.04
N VAL A 40 12.65 18.98 7.24
CA VAL A 40 12.22 17.59 7.36
C VAL A 40 10.78 17.41 6.89
N LEU A 41 10.58 16.44 5.99
CA LEU A 41 9.24 16.06 5.49
C LEU A 41 8.77 14.75 6.15
N ALA A 42 9.72 13.90 6.51
CA ALA A 42 9.44 12.65 7.20
C ALA A 42 10.67 12.18 8.01
N GLU A 43 10.42 11.72 9.23
CA GLU A 43 11.49 11.20 10.11
C GLU A 43 10.90 10.26 11.15
N ASP A 44 11.75 9.46 11.79
CA ASP A 44 11.29 8.61 12.88
C ASP A 44 11.34 9.43 14.17
N VAL A 45 10.36 9.23 15.05
CA VAL A 45 10.34 9.91 16.36
C VAL A 45 9.99 8.91 17.47
N GLU A 46 10.30 9.28 18.71
CA GLU A 46 9.94 8.45 19.86
C GLU A 46 8.66 9.04 20.45
N ARG A 47 7.61 8.23 20.49
CA ARG A 47 6.32 8.60 21.08
C ARG A 47 6.12 7.60 22.21
N TYR A 48 4.93 7.56 22.81
CA TYR A 48 4.68 6.67 23.94
C TYR A 48 3.34 5.97 23.87
N LYS A 49 3.31 4.78 24.47
CA LYS A 49 2.13 3.94 24.49
C LYS A 49 1.69 3.74 25.93
N LEU A 50 0.41 3.94 26.17
CA LEU A 50 -0.17 3.80 27.50
C LEU A 50 -0.43 2.33 27.79
N VAL A 51 -0.02 1.86 28.97
CA VAL A 51 -0.23 0.47 29.39
C VAL A 51 -0.81 0.46 30.80
N ALA A 52 -1.82 -0.37 31.03
CA ALA A 52 -2.45 -0.50 32.33
C ALA A 52 -2.44 -1.94 32.84
N VAL A 53 -1.75 -2.16 33.96
CA VAL A 53 -1.71 -3.46 34.62
C VAL A 53 -2.97 -3.59 35.48
N ILE A 54 -3.74 -4.65 35.26
CA ILE A 54 -5.00 -4.84 35.99
C ILE A 54 -5.07 -6.07 36.92
N ASP A 55 -4.23 -7.08 36.69
CA ASP A 55 -4.25 -8.31 37.53
C ASP A 55 -3.70 -8.03 38.93
N LYS A 56 -4.45 -8.50 39.92
CA LYS A 56 -4.15 -8.30 41.34
C LYS A 56 -2.80 -8.87 41.78
N LYS A 57 -2.37 -9.98 41.16
CA LYS A 57 -1.07 -10.60 41.49
C LYS A 57 0.11 -9.62 41.47
N ALA A 58 0.06 -8.61 40.59
CA ALA A 58 1.13 -7.60 40.49
C ALA A 58 1.41 -6.87 41.80
N SER A 59 0.39 -6.77 42.66
CA SER A 59 0.52 -6.10 43.97
C SER A 59 0.67 -7.09 45.13
N ALA A 60 0.96 -8.36 44.83
CA ALA A 60 1.10 -9.40 45.86
C ALA A 60 2.17 -9.10 46.90
N ASN A 61 3.36 -8.74 46.44
CA ASN A 61 4.50 -8.44 47.33
C ASN A 61 4.84 -6.95 47.35
N SER A 62 3.86 -6.09 47.07
CA SER A 62 4.10 -4.65 46.95
C SER A 62 3.64 -3.75 48.10
N LYS A 63 4.45 -2.71 48.37
CA LYS A 63 4.17 -1.69 49.39
C LYS A 63 2.92 -0.90 49.00
N LYS A 64 2.92 -0.37 47.77
CA LYS A 64 1.78 0.35 47.21
C LYS A 64 1.23 -0.51 46.06
N PRO A 65 -0.06 -0.34 45.70
CA PRO A 65 -0.60 -1.16 44.59
C PRO A 65 0.10 -0.96 43.24
N ARG A 66 0.34 -2.07 42.53
CA ARG A 66 1.02 -2.09 41.22
C ARG A 66 0.04 -2.41 40.08
N HIS A 67 -1.26 -2.38 40.37
CA HIS A 67 -2.30 -2.60 39.39
C HIS A 67 -3.40 -1.56 39.61
N VAL A 68 -4.33 -1.45 38.67
CA VAL A 68 -5.42 -0.49 38.77
C VAL A 68 -6.40 -0.98 39.82
N VAL A 69 -6.51 -0.23 40.90
CA VAL A 69 -7.43 -0.57 42.00
C VAL A 69 -8.79 0.13 41.84
N ASP A 70 -8.78 1.40 41.42
CA ASP A 70 -10.00 2.19 41.24
C ASP A 70 -10.13 2.50 39.75
N LYS A 71 -10.89 1.66 39.06
CA LYS A 71 -11.08 1.75 37.59
C LYS A 71 -11.81 3.01 37.14
N LYS A 72 -12.80 3.45 37.92
CA LYS A 72 -13.58 4.63 37.59
C LYS A 72 -12.78 5.93 37.74
N GLU A 73 -12.01 6.03 38.82
CA GLU A 73 -11.19 7.22 39.07
C GLU A 73 -10.03 7.26 38.07
N THR A 74 -9.48 6.09 37.73
CA THR A 74 -8.42 5.99 36.74
C THR A 74 -8.92 6.44 35.36
N ALA A 75 -10.05 5.90 34.94
CA ALA A 75 -10.68 6.26 33.67
C ALA A 75 -11.01 7.76 33.61
N LYS A 76 -11.43 8.32 34.75
CA LYS A 76 -11.75 9.75 34.84
C LYS A 76 -10.53 10.63 34.58
N LYS A 77 -9.40 10.29 35.21
CA LYS A 77 -8.17 11.08 35.03
C LYS A 77 -7.51 10.87 33.67
N LEU A 78 -7.42 9.62 33.19
CA LEU A 78 -6.80 9.35 31.88
C LEU A 78 -7.62 9.95 30.72
N SER A 79 -8.93 10.08 30.93
CA SER A 79 -9.83 10.66 29.91
C SER A 79 -9.48 12.10 29.53
N THR A 80 -8.77 12.81 30.40
CA THR A 80 -8.36 14.19 30.09
C THR A 80 -7.18 14.22 29.12
N VAL A 81 -6.28 13.22 29.21
CA VAL A 81 -5.09 13.16 28.35
C VAL A 81 -5.39 12.55 26.98
N ILE A 82 -5.78 11.27 26.97
CA ILE A 82 -6.09 10.58 25.70
C ILE A 82 -7.49 10.97 25.22
N ASN A 83 -7.80 10.63 23.97
CA ASN A 83 -9.09 10.94 23.37
C ASN A 83 -10.08 9.77 23.51
N MSE A 84 -10.45 9.46 24.76
CA MSE A 84 -11.39 8.38 25.05
C MSE A 84 -12.33 8.79 26.15
O MSE A 84 -11.93 9.47 27.10
CB MSE A 84 -10.67 7.11 25.51
CG MSE A 84 -10.65 6.04 24.43
SE MSE A 84 -10.50 4.25 25.25
CE MSE A 84 -9.92 3.41 23.56
N LYS A 85 -13.58 8.36 26.02
CA LYS A 85 -14.61 8.65 27.02
C LYS A 85 -14.43 7.69 28.21
N PRO A 86 -14.76 8.16 29.45
CA PRO A 86 -14.60 7.35 30.66
C PRO A 86 -15.13 5.92 30.60
N GLU A 87 -16.35 5.76 30.05
CA GLU A 87 -17.02 4.46 29.95
C GLU A 87 -16.24 3.42 29.14
N GLU A 88 -15.64 3.87 28.03
CA GLU A 88 -14.84 2.97 27.17
C GLU A 88 -13.53 2.56 27.83
N ILE A 89 -12.97 3.43 28.66
CA ILE A 89 -11.74 3.13 29.40
C ILE A 89 -12.04 2.05 30.46
N GLU A 90 -13.13 2.23 31.23
CA GLU A 90 -13.56 1.24 32.23
C GLU A 90 -13.79 -0.11 31.56
N LYS A 91 -14.53 -0.09 30.44
CA LYS A 91 -14.83 -1.28 29.65
C LYS A 91 -13.56 -2.09 29.33
N ARG A 92 -12.53 -1.39 28.87
CA ARG A 92 -11.25 -2.04 28.55
C ARG A 92 -10.56 -2.53 29.82
N LEU A 93 -10.64 -1.73 30.89
CA LEU A 93 -10.05 -2.11 32.19
C LEU A 93 -10.73 -3.32 32.84
N SER A 94 -11.94 -3.66 32.37
CA SER A 94 -12.72 -4.80 32.91
C SER A 94 -12.46 -6.15 32.20
N GLN A 95 -11.50 -6.16 31.27
CA GLN A 95 -11.11 -7.38 30.56
C GLN A 95 -10.71 -8.48 31.55
N LYS A 96 -11.39 -9.62 31.50
CA LYS A 96 -11.11 -10.73 32.41
C LYS A 96 -9.97 -11.61 31.90
N LYS A 97 -9.26 -12.24 32.84
CA LYS A 97 -8.12 -13.12 32.56
C LYS A 97 -6.97 -12.44 31.80
N ALA A 98 -6.92 -11.12 31.90
CA ALA A 98 -5.88 -10.33 31.23
C ALA A 98 -4.98 -9.74 32.29
N PHE A 99 -3.66 -9.84 32.08
CA PHE A 99 -2.71 -9.26 33.03
C PHE A 99 -2.60 -7.77 32.81
N GLN A 100 -2.52 -7.39 31.54
CA GLN A 100 -2.25 -6.02 31.13
C GLN A 100 -3.17 -5.65 29.99
N ILE A 101 -3.55 -4.38 29.88
CA ILE A 101 -4.36 -3.93 28.74
C ILE A 101 -3.81 -2.63 28.12
N GLU A 102 -4.17 -2.42 26.86
CA GLU A 102 -3.81 -1.22 26.09
C GLU A 102 -5.09 -0.53 25.66
N PHE A 103 -4.97 0.61 24.97
CA PHE A 103 -6.13 1.40 24.61
C PHE A 103 -6.22 1.75 23.11
N GLY A 104 -5.68 0.87 22.25
CA GLY A 104 -5.73 1.09 20.80
C GLY A 104 -4.86 2.26 20.36
N ARG A 105 -5.11 2.75 19.14
CA ARG A 105 -4.33 3.88 18.61
C ARG A 105 -4.48 5.19 19.41
N LYS A 106 -5.57 5.31 20.17
CA LYS A 106 -5.80 6.51 20.99
C LYS A 106 -4.86 6.53 22.20
N GLY A 107 -4.32 5.37 22.56
CA GLY A 107 -3.36 5.24 23.67
C GLY A 107 -1.90 5.23 23.24
N THR A 108 -1.66 5.18 21.92
CA THR A 108 -0.30 5.16 21.37
C THR A 108 -0.02 6.48 20.65
N ASN A 109 1.23 6.68 20.21
CA ASN A 109 1.65 7.90 19.51
C ASN A 109 1.49 9.12 20.43
N LEU A 110 1.55 8.88 21.74
CA LEU A 110 1.40 9.95 22.71
C LEU A 110 2.72 10.71 22.80
N THR A 111 2.63 12.03 22.96
CA THR A 111 3.82 12.88 23.05
C THR A 111 4.45 12.79 24.43
N TYR A 112 5.65 13.36 24.55
CA TYR A 112 6.39 13.38 25.80
C TYR A 112 5.63 14.17 26.87
N GLN A 113 4.92 15.22 26.45
CA GLN A 113 4.11 16.03 27.37
C GLN A 113 2.96 15.21 27.96
N ASP A 114 2.36 14.37 27.12
CA ASP A 114 1.29 13.47 27.54
C ASP A 114 1.85 12.49 28.57
N LYS A 115 3.07 12.02 28.35
CA LYS A 115 3.75 11.11 29.28
C LYS A 115 3.86 11.75 30.67
N LEU A 116 4.46 12.94 30.74
CA LEU A 116 4.63 13.66 32.02
C LEU A 116 3.28 13.91 32.69
N LYS A 117 2.33 14.37 31.89
CA LYS A 117 0.97 14.65 32.33
C LYS A 117 0.36 13.43 33.05
N ILE A 118 0.48 12.27 32.42
CA ILE A 118 -0.06 11.01 32.98
C ILE A 118 0.75 10.51 34.20
N GLU A 119 2.07 10.59 34.11
CA GLU A 119 2.93 10.13 35.21
C GLU A 119 2.82 10.96 36.50
N LYS A 120 2.42 12.23 36.36
CA LYS A 120 2.24 13.11 37.53
C LYS A 120 1.05 12.68 38.38
N MSE A 121 0.07 12.03 37.74
CA MSE A 121 -1.13 11.54 38.42
C MSE A 121 -0.86 10.40 39.37
O MSE A 121 -1.68 10.15 40.25
CB MSE A 121 -2.14 11.06 37.37
CG MSE A 121 -2.59 12.18 36.40
SE MSE A 121 -3.61 11.44 34.88
CE MSE A 121 -4.26 13.17 34.20
N ASN A 122 0.28 9.72 39.23
CA ASN A 122 0.67 8.58 40.08
C ASN A 122 -0.42 7.51 40.15
N LEU A 123 -0.98 7.16 39.00
CA LEU A 123 -2.05 6.15 38.92
C LEU A 123 -1.46 4.73 39.04
N PRO A 124 -1.86 3.97 40.09
CA PRO A 124 -1.33 2.61 40.23
C PRO A 124 -1.60 1.74 38.99
N GLY A 125 -0.56 1.03 38.54
CA GLY A 125 -0.67 0.14 37.39
C GLY A 125 -0.54 0.79 36.02
N ILE A 126 -0.42 2.11 35.99
CA ILE A 126 -0.32 2.86 34.73
C ILE A 126 1.14 3.19 34.40
N SER A 127 1.52 2.98 33.16
CA SER A 127 2.86 3.30 32.71
C SER A 127 2.84 3.62 31.22
N LEU A 128 3.94 4.17 30.74
CA LEU A 128 4.07 4.53 29.35
C LEU A 128 5.32 3.89 28.79
N LEU A 129 5.18 3.18 27.68
CA LEU A 129 6.31 2.52 27.04
C LEU A 129 6.71 3.32 25.81
N PRO A 130 8.03 3.50 25.60
CA PRO A 130 8.47 4.24 24.43
C PRO A 130 8.23 3.40 23.18
N GLU A 131 7.86 4.06 22.09
CA GLU A 131 7.63 3.37 20.82
C GLU A 131 7.96 4.35 19.67
N THR A 132 8.55 3.81 18.61
CA THR A 132 8.97 4.59 17.46
C THR A 132 7.85 4.68 16.44
N GLU A 133 7.62 5.89 15.92
CA GLU A 133 6.63 6.12 14.89
C GLU A 133 7.22 7.01 13.80
N ARG A 134 6.65 6.92 12.62
CA ARG A 134 7.04 7.76 11.50
C ARG A 134 6.24 9.03 11.64
N PHE A 135 6.94 10.16 11.55
CA PHE A 135 6.34 11.47 11.75
C PHE A 135 6.47 12.31 10.50
N TYR A 136 5.36 12.92 10.13
CA TYR A 136 5.32 13.83 8.99
C TYR A 136 4.98 15.17 9.60
N PRO A 137 6.01 16.04 9.82
CA PRO A 137 5.78 17.32 10.51
C PRO A 137 4.73 18.21 9.87
N ASN A 138 4.54 18.12 8.55
CA ASN A 138 3.57 18.97 7.86
C ASN A 138 2.19 18.36 7.71
N GLY A 139 1.99 17.14 8.21
CA GLY A 139 0.70 16.42 8.10
C GLY A 139 0.35 16.22 6.65
N ASN A 140 -0.83 16.70 6.25
CA ASN A 140 -1.29 16.59 4.85
C ASN A 140 -0.55 17.62 4.01
N PHE A 141 0.48 17.18 3.29
CA PHE A 141 1.41 18.07 2.60
C PHE A 141 2.21 17.27 1.61
N ALA A 142 2.05 17.54 0.31
CA ALA A 142 2.66 16.75 -0.77
C ALA A 142 2.47 15.25 -0.50
N SER A 143 1.29 14.89 0.00
CA SER A 143 1.07 13.54 0.48
C SER A 143 1.26 12.43 -0.55
N HIS A 144 0.67 12.63 -1.71
CA HIS A 144 0.77 11.67 -2.80
C HIS A 144 2.18 11.57 -3.42
N LEU A 145 3.05 12.51 -3.07
CA LEU A 145 4.44 12.43 -3.53
C LEU A 145 5.33 11.76 -2.47
N ILE A 146 5.27 12.26 -1.24
CA ILE A 146 6.06 11.73 -0.13
C ILE A 146 5.63 10.31 0.22
N GLY A 147 4.32 10.08 0.23
CA GLY A 147 3.77 8.78 0.58
C GLY A 147 3.62 8.58 2.07
N ARG A 148 3.54 7.32 2.47
CA ARG A 148 3.36 6.92 3.85
C ARG A 148 4.05 5.59 4.12
N ALA A 149 4.73 5.49 5.25
CA ALA A 149 5.32 4.21 5.69
C ALA A 149 4.45 3.71 6.83
N GLN A 150 4.24 2.40 6.83
CA GLN A 150 3.40 1.70 7.81
C GLN A 150 4.27 0.92 8.77
N LYS A 151 3.79 0.75 9.99
CA LYS A 151 4.58 0.06 11.00
C LYS A 151 4.05 -1.33 11.31
N ASN A 152 4.94 -2.31 11.36
CA ASN A 152 4.58 -3.65 11.81
C ASN A 152 4.67 -3.59 13.34
N PRO A 153 3.53 -3.74 14.05
CA PRO A 153 3.54 -3.70 15.52
C PRO A 153 4.48 -4.68 16.23
N ASP A 154 4.63 -5.87 15.67
CA ASP A 154 5.41 -6.94 16.29
C ASP A 154 6.89 -6.63 16.45
N THR A 155 7.45 -5.92 15.47
CA THR A 155 8.88 -5.63 15.44
C THR A 155 9.23 -4.15 15.41
N GLY A 156 8.24 -3.31 15.09
CA GLY A 156 8.48 -1.86 14.90
C GLY A 156 8.93 -1.51 13.46
N GLU A 157 9.12 -2.53 12.61
CA GLU A 157 9.60 -2.28 11.26
C GLU A 157 8.65 -1.44 10.41
N LEU A 158 9.19 -0.35 9.87
CA LEU A 158 8.46 0.54 8.99
C LEU A 158 8.70 0.15 7.54
N LYS A 159 7.65 0.21 6.72
CA LYS A 159 7.77 -0.13 5.29
CA LYS A 159 7.78 -0.13 5.29
C LYS A 159 6.95 0.84 4.48
N GLY A 160 7.55 1.43 3.45
CA GLY A 160 6.82 2.37 2.62
C GLY A 160 5.72 1.72 1.83
N ALA A 161 4.56 2.37 1.80
CA ALA A 161 3.40 1.84 1.12
C ALA A 161 2.96 2.67 -0.08
N LEU A 162 3.50 3.89 -0.23
CA LEU A 162 3.19 4.75 -1.39
C LEU A 162 4.25 5.81 -1.54
N GLY A 163 4.39 6.36 -2.74
CA GLY A 163 5.30 7.46 -3.00
C GLY A 163 6.75 7.20 -2.69
N VAL A 164 7.47 8.27 -2.33
CA VAL A 164 8.91 8.19 -2.03
C VAL A 164 9.21 7.15 -0.96
N GLU A 165 8.35 7.07 0.06
CA GLU A 165 8.54 6.09 1.13
C GLU A 165 8.63 4.69 0.53
N LYS A 166 7.80 4.41 -0.46
CA LYS A 166 7.80 3.07 -1.11
C LYS A 166 8.93 2.92 -2.11
N ILE A 167 9.01 3.88 -3.01
CA ILE A 167 9.99 3.84 -4.11
C ILE A 167 11.40 3.64 -3.57
N PHE A 168 11.75 4.43 -2.55
CA PHE A 168 13.08 4.41 -1.95
C PHE A 168 13.17 3.62 -0.65
N ASP A 169 12.20 2.72 -0.43
CA ASP A 169 12.16 1.98 0.82
C ASP A 169 13.46 1.26 1.12
N SER A 170 14.09 0.66 0.10
CA SER A 170 15.32 -0.09 0.34
C SER A 170 16.47 0.81 0.85
N TYR A 171 16.53 2.06 0.39
CA TYR A 171 17.55 3.01 0.83
C TYR A 171 17.20 3.58 2.21
N LEU A 172 15.94 4.01 2.33
CA LEU A 172 15.41 4.56 3.58
C LEU A 172 15.51 3.61 4.77
N SER A 173 15.27 2.33 4.53
N SER A 173 15.26 2.31 4.55
CA SER A 173 15.36 1.33 5.61
CA SER A 173 15.34 1.33 5.64
C SER A 173 16.83 1.18 6.00
C SER A 173 16.81 1.12 6.00
N GLY A 174 17.11 1.02 7.29
CA GLY A 174 18.52 0.89 7.77
C GLY A 174 19.16 -0.49 7.77
N LYS A 200 23.26 0.44 12.33
CA LYS A 200 23.37 1.22 11.09
C LYS A 200 22.28 2.28 11.09
N ARG A 201 22.13 2.99 9.97
CA ARG A 201 21.09 4.00 9.82
C ARG A 201 20.71 4.08 8.35
N GLY A 202 19.43 4.28 8.07
CA GLY A 202 18.95 4.40 6.71
C GLY A 202 19.47 5.64 5.97
N ASP A 203 19.38 5.62 4.65
CA ASP A 203 19.80 6.73 3.81
C ASP A 203 18.66 7.77 3.75
N ASP A 204 19.04 9.03 3.63
CA ASP A 204 18.10 10.11 3.48
C ASP A 204 17.79 10.34 2.02
N VAL A 205 16.57 10.77 1.74
CA VAL A 205 16.19 11.15 0.41
C VAL A 205 15.86 12.63 0.42
N HIS A 206 16.54 13.40 -0.41
CA HIS A 206 16.31 14.83 -0.55
C HIS A 206 15.54 15.10 -1.82
N LEU A 207 14.40 15.77 -1.69
CA LEU A 207 13.59 16.12 -2.84
C LEU A 207 13.86 17.54 -3.33
N THR A 208 13.33 17.87 -4.51
CA THR A 208 13.47 19.19 -5.12
C THR A 208 12.37 20.15 -4.61
N ILE A 209 11.35 19.58 -3.96
CA ILE A 209 10.25 20.33 -3.42
C ILE A 209 10.74 21.46 -2.49
N ASP A 210 10.09 22.61 -2.59
CA ASP A 210 10.38 23.72 -1.73
C ASP A 210 9.14 23.90 -0.87
N SER A 211 9.26 23.66 0.44
CA SER A 211 8.11 23.73 1.34
C SER A 211 7.38 25.05 1.30
N ASN A 212 8.09 26.16 1.06
CA ASN A 212 7.43 27.47 0.96
C ASN A 212 6.43 27.50 -0.19
N ILE A 213 6.83 26.97 -1.35
CA ILE A 213 5.97 26.94 -2.53
C ILE A 213 4.87 25.88 -2.36
N GLN A 214 5.22 24.77 -1.71
CA GLN A 214 4.27 23.67 -1.45
C GLN A 214 3.07 24.22 -0.64
N VAL A 215 3.34 25.09 0.33
CA VAL A 215 2.27 25.74 1.12
C VAL A 215 1.30 26.49 0.21
N PHE A 216 1.81 27.24 -0.77
CA PHE A 216 0.94 27.99 -1.66
C PHE A 216 0.05 27.06 -2.42
N VAL A 217 0.62 25.93 -2.88
CA VAL A 217 -0.18 24.94 -3.60
C VAL A 217 -1.25 24.28 -2.70
N GLU A 218 -0.87 23.89 -1.49
CA GLU A 218 -1.85 23.24 -0.58
C GLU A 218 -3.00 24.16 -0.28
N GLU A 219 -2.70 25.44 -0.02
CA GLU A 219 -3.75 26.42 0.31
C GLU A 219 -4.66 26.70 -0.89
N ALA A 220 -4.08 26.79 -2.09
CA ALA A 220 -4.88 27.03 -3.29
C ALA A 220 -5.79 25.83 -3.60
N LEU A 221 -5.31 24.60 -3.44
CA LEU A 221 -6.15 23.40 -3.71
C LEU A 221 -7.28 23.27 -2.67
N ASP A 222 -6.97 23.55 -1.41
CA ASP A 222 -7.99 23.57 -0.38
C ASP A 222 -9.12 24.52 -0.80
N GLY A 223 -8.76 25.67 -1.37
CA GLY A 223 -9.74 26.64 -1.82
C GLY A 223 -10.61 26.13 -2.95
N MSE A 224 -10.00 25.40 -3.88
CA MSE A 224 -10.76 24.86 -5.03
C MSE A 224 -11.71 23.78 -4.59
O MSE A 224 -12.79 23.66 -5.14
CB MSE A 224 -9.87 24.26 -6.12
CG MSE A 224 -8.78 25.20 -6.63
SE MSE A 224 -9.58 26.77 -7.48
CE MSE A 224 -9.83 25.93 -9.22
N VAL A 225 -11.32 22.97 -3.61
CA VAL A 225 -12.21 21.94 -3.08
C VAL A 225 -13.44 22.58 -2.44
N GLU A 226 -13.24 23.61 -1.63
N GLU A 226 -13.21 23.62 -1.64
CA GLU A 226 -14.42 24.26 -1.01
CA GLU A 226 -14.29 24.37 -0.99
C GLU A 226 -15.33 24.90 -2.04
C GLU A 226 -15.28 24.98 -1.97
N ARG A 227 -14.75 25.55 -3.04
CA ARG A 227 -15.56 26.25 -4.06
C ARG A 227 -16.22 25.35 -5.09
N TYR A 228 -15.51 24.30 -5.51
CA TYR A 228 -15.97 23.44 -6.60
C TYR A 228 -16.15 21.95 -6.33
N GLN A 229 -15.72 21.47 -5.16
CA GLN A 229 -15.84 20.03 -4.82
C GLN A 229 -15.60 19.13 -6.05
N PRO A 230 -14.43 19.26 -6.70
CA PRO A 230 -14.22 18.43 -7.88
C PRO A 230 -13.88 16.99 -7.58
N LYS A 231 -14.08 16.11 -8.57
CA LYS A 231 -13.75 14.70 -8.40
C LYS A 231 -12.25 14.46 -8.38
N ASP A 232 -11.49 15.30 -9.09
CA ASP A 232 -10.02 15.19 -9.13
C ASP A 232 -9.48 16.61 -9.35
N LEU A 233 -8.27 16.83 -8.85
CA LEU A 233 -7.65 18.14 -8.90
C LEU A 233 -6.18 18.00 -8.65
N PHE A 234 -5.35 18.76 -9.40
CA PHE A 234 -3.92 18.77 -9.16
C PHE A 234 -3.30 20.09 -9.52
N ALA A 235 -2.12 20.33 -8.96
CA ALA A 235 -1.30 21.50 -9.33
C ALA A 235 0.14 21.13 -9.14
N VAL A 236 0.97 21.59 -10.05
CA VAL A 236 2.38 21.31 -10.00
C VAL A 236 3.12 22.58 -10.43
N VAL A 237 4.21 22.84 -9.75
CA VAL A 237 5.06 23.97 -10.02
C VAL A 237 6.42 23.39 -10.40
N MSE A 238 6.90 23.75 -11.57
CA MSE A 238 8.17 23.29 -12.05
C MSE A 238 9.08 24.45 -12.43
O MSE A 238 8.63 25.43 -13.02
CB MSE A 238 7.87 22.41 -13.27
CG MSE A 238 9.21 21.80 -13.77
SE MSE A 238 9.03 20.56 -15.29
CE MSE A 238 8.65 21.88 -16.66
N ASP A 239 10.37 24.34 -12.10
CA ASP A 239 11.39 25.31 -12.49
C ASP A 239 11.51 25.21 -14.00
N ALA A 240 11.19 26.32 -14.71
CA ALA A 240 11.16 26.33 -16.17
C ALA A 240 12.49 26.07 -16.89
N LYS A 241 13.58 26.30 -16.18
CA LYS A 241 14.93 26.16 -16.75
C LYS A 241 15.70 24.94 -16.28
N THR A 242 15.15 24.19 -15.31
CA THR A 242 15.87 22.99 -14.85
C THR A 242 15.01 21.71 -14.86
N GLY A 243 13.68 21.86 -14.82
CA GLY A 243 12.80 20.71 -14.78
C GLY A 243 12.52 20.23 -13.35
N GLU A 244 13.09 20.91 -12.36
CA GLU A 244 12.85 20.51 -10.98
C GLU A 244 11.39 20.75 -10.57
N ILE A 245 10.80 19.79 -9.87
CA ILE A 245 9.45 19.95 -9.36
C ILE A 245 9.58 20.67 -8.01
N LEU A 246 9.10 21.91 -7.96
CA LEU A 246 9.14 22.72 -6.75
C LEU A 246 7.94 22.51 -5.83
N ALA A 247 6.82 22.10 -6.39
CA ALA A 247 5.63 21.81 -5.61
C ALA A 247 4.70 20.93 -6.38
N TYR A 248 3.96 20.11 -5.65
CA TYR A 248 3.03 19.16 -6.25
C TYR A 248 1.97 18.71 -5.22
N SER A 249 0.70 18.81 -5.58
CA SER A 249 -0.36 18.29 -4.72
C SER A 249 -1.58 17.90 -5.54
N GLN A 250 -2.46 17.11 -4.94
CA GLN A 250 -3.69 16.70 -5.57
C GLN A 250 -4.78 16.56 -4.52
N ARG A 251 -6.01 16.61 -5.00
CA ARG A 251 -7.19 16.34 -4.17
C ARG A 251 -8.11 15.44 -4.99
N PRO A 252 -8.76 14.45 -4.34
CA PRO A 252 -8.61 14.13 -2.92
C PRO A 252 -7.27 13.47 -2.61
N THR A 253 -6.84 13.55 -1.37
CA THR A 253 -5.56 12.95 -1.00
C THR A 253 -5.70 12.40 0.41
N PHE A 254 -4.59 12.14 1.08
CA PHE A 254 -4.61 11.56 2.41
C PHE A 254 -3.63 12.29 3.29
N ASN A 255 -3.68 11.95 4.58
CA ASN A 255 -2.78 12.53 5.56
C ASN A 255 -1.78 11.43 5.93
N PRO A 256 -0.51 11.59 5.55
CA PRO A 256 0.49 10.57 5.88
C PRO A 256 0.75 10.37 7.37
N GLU A 257 0.51 11.40 8.16
CA GLU A 257 0.76 11.31 9.59
C GLU A 257 -0.24 10.38 10.28
N THR A 258 -1.51 10.56 9.96
CA THR A 258 -2.58 9.83 10.63
C THR A 258 -3.13 8.66 9.84
N GLY A 259 -2.87 8.66 8.55
CA GLY A 259 -3.38 7.64 7.66
C GLY A 259 -4.81 7.87 7.19
N LYS A 260 -5.39 9.03 7.55
N LYS A 260 -5.41 9.00 7.58
CA LYS A 260 -6.75 9.40 7.14
CA LYS A 260 -6.79 9.30 7.16
C LYS A 260 -6.87 9.40 5.62
C LYS A 260 -6.87 9.39 5.64
N ASP A 261 -7.81 8.62 5.09
CA ASP A 261 -8.07 8.50 3.65
C ASP A 261 -7.00 7.75 2.85
N PHE A 262 -6.01 7.18 3.53
CA PHE A 262 -4.96 6.44 2.84
C PHE A 262 -5.62 5.22 2.22
N GLY A 263 -5.40 5.03 0.92
CA GLY A 263 -6.02 3.89 0.21
C GLY A 263 -7.24 4.22 -0.63
N LYS A 264 -7.85 5.39 -0.43
CA LYS A 264 -9.02 5.78 -1.20
C LYS A 264 -8.68 6.06 -2.68
N LYS A 265 -7.48 6.53 -2.92
CA LYS A 265 -7.02 6.74 -4.27
C LYS A 265 -5.53 6.44 -4.33
N TRP A 266 -5.17 5.27 -4.85
CA TRP A 266 -3.74 4.93 -4.90
C TRP A 266 -2.93 5.81 -5.86
N ALA A 267 -3.61 6.32 -6.88
CA ALA A 267 -2.93 6.99 -7.99
C ALA A 267 -2.42 8.41 -7.76
N ASN A 268 -1.13 8.60 -8.02
CA ASN A 268 -0.50 9.89 -8.02
C ASN A 268 -0.88 10.53 -9.36
N ASP A 269 -1.45 11.73 -9.32
CA ASP A 269 -1.93 12.36 -10.55
C ASP A 269 -0.82 12.75 -11.50
N LEU A 270 0.32 13.17 -10.98
CA LEU A 270 1.43 13.62 -11.83
C LEU A 270 2.00 12.51 -12.74
N TYR A 271 2.19 11.34 -12.17
CA TYR A 271 2.82 10.21 -12.86
C TYR A 271 1.97 9.03 -13.26
N GLN A 272 0.86 8.81 -12.55
CA GLN A 272 0.10 7.56 -12.72
C GLN A 272 -1.29 7.70 -13.28
N ASN A 273 -1.91 8.85 -13.08
CA ASN A 273 -3.26 9.08 -13.57
C ASN A 273 -3.16 9.65 -14.98
N THR A 274 -4.14 9.38 -15.83
CA THR A 274 -4.09 9.91 -17.21
C THR A 274 -5.32 10.72 -17.48
N TYR A 275 -5.18 11.68 -18.41
CA TYR A 275 -6.23 12.59 -18.77
C TYR A 275 -6.30 12.84 -20.26
N GLU A 276 -7.51 13.13 -20.76
CA GLU A 276 -7.65 13.69 -22.10
C GLU A 276 -7.40 15.18 -21.76
N PRO A 277 -6.24 15.70 -22.13
CA PRO A 277 -5.83 17.05 -21.67
C PRO A 277 -6.63 18.26 -22.13
N GLY A 278 -7.30 18.15 -23.26
CA GLY A 278 -8.01 19.27 -23.82
C GLY A 278 -7.04 20.21 -24.51
N SER A 279 -7.49 21.44 -24.68
CA SER A 279 -6.78 22.44 -25.49
C SER A 279 -5.40 22.94 -25.10
N THR A 280 -4.92 22.58 -23.92
CA THR A 280 -3.52 22.83 -23.57
C THR A 280 -2.65 22.07 -24.57
N PHE A 281 -3.22 21.00 -25.12
CA PHE A 281 -2.51 20.12 -26.08
C PHE A 281 -2.36 20.79 -27.45
N LYS A 282 -3.19 21.80 -27.70
CA LYS A 282 -3.09 22.56 -28.96
C LYS A 282 -1.72 23.17 -29.18
N SER A 283 -1.00 23.49 -28.10
CA SER A 283 0.32 24.10 -28.23
C SER A 283 1.32 23.24 -29.05
N TYR A 284 1.20 21.92 -28.94
CA TYR A 284 2.14 20.98 -29.61
C TYR A 284 1.79 20.87 -31.09
N GLY A 285 0.49 20.95 -31.41
CA GLY A 285 0.04 20.99 -32.80
C GLY A 285 0.46 22.32 -33.45
N LEU A 286 0.39 23.40 -32.67
CA LEU A 286 0.84 24.71 -33.14
C LEU A 286 2.33 24.67 -33.42
N ALA A 287 3.09 24.12 -32.48
CA ALA A 287 4.54 24.03 -32.64
C ALA A 287 4.92 23.28 -33.92
N ALA A 288 4.30 22.13 -34.12
CA ALA A 288 4.55 21.33 -35.32
C ALA A 288 4.25 22.15 -36.58
N ALA A 289 3.06 22.75 -36.63
CA ALA A 289 2.62 23.57 -37.75
C ALA A 289 3.54 24.75 -38.05
N ILE A 290 4.09 25.36 -36.99
CA ILE A 290 5.04 26.46 -37.17
C ILE A 290 6.28 25.91 -37.85
N GLN A 291 6.83 24.83 -37.30
CA GLN A 291 8.05 24.25 -37.83
C GLN A 291 7.89 23.69 -39.25
N GLU A 292 6.70 23.17 -39.55
CA GLU A 292 6.41 22.63 -40.89
C GLU A 292 6.05 23.73 -41.90
N GLY A 293 5.91 24.97 -41.44
CA GLY A 293 5.58 26.09 -42.31
C GLY A 293 4.10 26.20 -42.65
N ALA A 294 3.26 25.50 -41.90
CA ALA A 294 1.81 25.49 -42.12
C ALA A 294 1.07 26.62 -41.38
N PHE A 295 1.65 27.09 -40.27
CA PHE A 295 1.06 28.19 -39.49
C PHE A 295 1.72 29.52 -39.82
N ASP A 296 0.91 30.47 -40.30
CA ASP A 296 1.35 31.83 -40.59
C ASP A 296 0.35 32.68 -39.79
N PRO A 297 0.83 33.44 -38.79
CA PRO A 297 -0.09 34.16 -37.90
C PRO A 297 -1.07 35.12 -38.57
N ASP A 298 -0.67 35.73 -39.69
CA ASP A 298 -1.50 36.68 -40.43
C ASP A 298 -2.39 36.06 -41.52
N LYS A 299 -2.11 34.80 -41.88
CA LYS A 299 -2.89 34.13 -42.92
C LYS A 299 -4.30 33.80 -42.44
N LYS A 300 -5.30 34.07 -43.27
N LYS A 300 -5.30 34.08 -43.28
CA LYS A 300 -6.68 33.77 -42.90
CA LYS A 300 -6.69 33.77 -42.95
C LYS A 300 -7.04 32.31 -43.14
C LYS A 300 -7.02 32.29 -43.13
N TYR A 301 -7.96 31.80 -42.32
CA TYR A 301 -8.44 30.43 -42.42
C TYR A 301 -9.93 30.45 -42.13
N LYS A 302 -10.64 29.43 -42.60
CA LYS A 302 -12.10 29.29 -42.44
C LYS A 302 -12.47 28.64 -41.09
N SER A 303 -13.04 29.44 -40.18
CA SER A 303 -13.47 28.93 -38.87
C SER A 303 -14.92 28.45 -38.97
N GLY A 304 -15.45 27.91 -37.88
CA GLY A 304 -16.82 27.41 -37.83
C GLY A 304 -16.87 25.97 -37.35
N HIS A 305 -16.94 25.05 -38.31
CA HIS A 305 -17.00 23.63 -37.98
C HIS A 305 -16.43 22.79 -39.11
N ARG A 306 -16.29 21.50 -38.82
N ARG A 306 -16.31 21.50 -38.86
CA ARG A 306 -15.82 20.51 -39.78
CA ARG A 306 -15.83 20.53 -39.85
C ARG A 306 -16.65 19.26 -39.55
C ARG A 306 -16.49 19.18 -39.57
N ASP A 307 -16.99 18.57 -40.63
CA ASP A 307 -17.74 17.31 -40.55
C ASP A 307 -16.76 16.18 -40.76
N ILE A 308 -16.76 15.25 -39.81
CA ILE A 308 -15.84 14.13 -39.88
C ILE A 308 -16.39 12.83 -39.31
N MSE A 309 -16.46 11.81 -40.16
CA MSE A 309 -16.93 10.47 -39.80
C MSE A 309 -18.23 10.51 -39.04
O MSE A 309 -18.41 9.78 -38.06
CB MSE A 309 -15.80 9.78 -39.00
CG MSE A 309 -14.99 8.83 -39.87
SE MSE A 309 -13.56 8.05 -38.77
CE MSE A 309 -14.67 7.13 -37.41
N GLY A 310 -19.15 11.37 -39.48
CA GLY A 310 -20.45 11.51 -38.85
C GLY A 310 -20.53 12.46 -37.67
N SER A 311 -19.39 12.90 -37.13
CA SER A 311 -19.36 13.82 -35.99
C SER A 311 -19.23 15.27 -36.46
N ARG A 312 -19.92 16.17 -35.74
CA ARG A 312 -19.91 17.60 -36.03
C ARG A 312 -18.95 18.25 -35.04
N ILE A 313 -17.72 18.54 -35.47
CA ILE A 313 -16.75 19.19 -34.56
C ILE A 313 -16.69 20.66 -34.89
N SER A 314 -17.07 21.50 -33.94
CA SER A 314 -17.06 22.93 -34.17
C SER A 314 -16.23 23.71 -33.14
N ASP A 315 -16.01 24.98 -33.44
CA ASP A 315 -15.35 25.89 -32.53
C ASP A 315 -16.25 26.04 -31.29
N TRP A 316 -15.63 26.26 -30.13
CA TRP A 316 -16.35 26.31 -28.85
C TRP A 316 -17.64 27.15 -28.86
N ASN A 317 -17.69 28.19 -29.69
CA ASN A 317 -18.89 29.03 -29.79
C ASN A 317 -19.91 28.56 -30.84
N ARG A 318 -19.81 27.32 -31.31
CA ARG A 318 -20.76 26.76 -32.30
C ARG A 318 -20.57 27.29 -33.73
N VAL A 319 -20.82 28.58 -33.90
CA VAL A 319 -20.80 29.22 -35.22
C VAL A 319 -19.43 29.68 -35.75
N GLY A 320 -18.43 29.78 -34.88
CA GLY A 320 -17.10 30.23 -35.30
C GLY A 320 -17.05 31.72 -35.49
N TRP A 321 -16.13 32.19 -36.34
CA TRP A 321 -15.98 33.63 -36.57
C TRP A 321 -15.80 33.97 -38.05
N GLY A 322 -16.14 33.04 -38.94
CA GLY A 322 -15.93 33.24 -40.38
C GLY A 322 -14.45 33.16 -40.69
N GLU A 323 -14.00 33.97 -41.66
CA GLU A 323 -12.59 34.02 -42.08
C GLU A 323 -11.82 34.91 -41.12
N ILE A 324 -10.84 34.34 -40.42
CA ILE A 324 -10.02 35.12 -39.47
C ILE A 324 -8.56 34.67 -39.54
N PRO A 325 -7.61 35.53 -39.06
CA PRO A 325 -6.19 35.16 -39.05
C PRO A 325 -5.92 33.97 -38.13
N MSE A 326 -4.91 33.15 -38.46
CA MSE A 326 -4.58 31.96 -37.65
C MSE A 326 -4.13 32.34 -36.26
O MSE A 326 -4.44 31.62 -35.31
CB MSE A 326 -3.52 31.08 -38.31
CG MSE A 326 -4.04 30.39 -39.57
SE MSE A 326 -2.55 29.35 -40.35
CE MSE A 326 -3.54 28.07 -41.46
N SER A 327 -3.42 33.46 -36.11
CA SER A 327 -3.02 33.94 -34.78
C SER A 327 -4.26 34.10 -33.90
N LEU A 328 -5.25 34.81 -34.42
CA LEU A 328 -6.50 35.04 -33.69
C LEU A 328 -7.22 33.71 -33.40
N GLY A 329 -7.17 32.80 -34.36
CA GLY A 329 -7.77 31.47 -34.18
C GLY A 329 -7.18 30.77 -32.96
N PHE A 330 -5.86 30.91 -32.78
CA PHE A 330 -5.19 30.27 -31.66
C PHE A 330 -5.56 30.95 -30.35
N THR A 331 -5.63 32.28 -30.36
CA THR A 331 -6.04 33.06 -29.18
C THR A 331 -7.46 32.64 -28.75
N TYR A 332 -8.32 32.36 -29.74
CA TYR A 332 -9.68 31.91 -29.47
C TYR A 332 -9.79 30.42 -29.18
N SER A 333 -8.67 29.69 -29.24
CA SER A 333 -8.65 28.24 -29.02
C SER A 333 -9.54 27.50 -30.02
N SER A 334 -9.43 27.88 -31.30
CA SER A 334 -10.25 27.30 -32.36
C SER A 334 -9.92 25.84 -32.71
N ASN A 335 -10.93 24.97 -32.59
CA ASN A 335 -10.77 23.58 -32.99
C ASN A 335 -10.62 23.47 -34.51
N THR A 336 -11.29 24.33 -35.25
CA THR A 336 -11.19 24.30 -36.71
C THR A 336 -9.77 24.64 -37.19
N LEU A 337 -9.14 25.60 -36.51
CA LEU A 337 -7.75 25.93 -36.82
C LEU A 337 -6.83 24.72 -36.69
N MSE A 338 -6.95 23.98 -35.58
CA MSE A 338 -6.09 22.82 -35.34
C MSE A 338 -6.38 21.71 -36.32
O MSE A 338 -5.46 21.07 -36.81
CB MSE A 338 -6.22 22.31 -33.91
CG MSE A 338 -6.02 23.41 -32.86
SE MSE A 338 -4.39 24.49 -33.11
CE MSE A 338 -3.09 23.04 -32.95
N MSE A 339 -7.65 21.51 -36.64
CA MSE A 339 -8.02 20.44 -37.61
C MSE A 339 -7.49 20.76 -39.00
O MSE A 339 -7.10 19.85 -39.73
CB MSE A 339 -9.53 20.22 -37.62
CG MSE A 339 -9.95 19.53 -36.32
SE MSE A 339 -11.87 19.07 -36.38
CE MSE A 339 -12.65 20.88 -36.41
N HIS A 340 -7.47 22.04 -39.36
CA HIS A 340 -6.97 22.49 -40.65
C HIS A 340 -5.42 22.38 -40.66
N LEU A 341 -4.78 22.83 -39.58
CA LEU A 341 -3.33 22.71 -39.48
C LEU A 341 -2.93 21.24 -39.58
N GLN A 342 -3.75 20.34 -39.01
CA GLN A 342 -3.44 18.92 -39.09
C GLN A 342 -3.43 18.46 -40.54
N ASP A 343 -4.42 18.93 -41.30
CA ASP A 343 -4.54 18.60 -42.71
C ASP A 343 -3.36 19.14 -43.51
N LEU A 344 -2.96 20.38 -43.22
CA LEU A 344 -1.84 20.99 -43.95
C LEU A 344 -0.53 20.22 -43.69
N VAL A 345 -0.31 19.78 -42.45
CA VAL A 345 0.91 19.03 -42.10
C VAL A 345 0.84 17.56 -42.56
N GLY A 346 -0.32 16.93 -42.40
CA GLY A 346 -0.49 15.50 -42.80
C GLY A 346 -0.62 14.65 -41.56
N ALA A 347 -1.53 13.67 -41.60
CA ALA A 347 -1.81 12.81 -40.45
C ALA A 347 -0.63 11.99 -39.99
N ASP A 348 0.08 11.35 -40.94
CA ASP A 348 1.25 10.54 -40.57
C ASP A 348 2.31 11.37 -39.86
N LYS A 349 2.61 12.54 -40.40
CA LYS A 349 3.61 13.41 -39.82
C LYS A 349 3.19 13.94 -38.46
N MSE A 350 1.89 14.18 -38.26
CA MSE A 350 1.42 14.72 -36.97
C MSE A 350 1.56 13.68 -35.90
O MSE A 350 1.91 14.01 -34.77
CB MSE A 350 -0.01 15.30 -36.98
CG MSE A 350 -0.11 16.69 -37.58
SE MSE A 350 1.18 17.96 -36.79
CE MSE A 350 0.83 17.58 -34.90
N LYS A 351 1.33 12.41 -36.22
CA LYS A 351 1.50 11.36 -35.20
C LYS A 351 2.94 11.34 -34.72
N SER A 352 3.88 11.42 -35.67
CA SER A 352 5.31 11.47 -35.34
C SER A 352 5.65 12.72 -34.56
N TRP A 353 4.97 13.82 -34.86
CA TRP A 353 5.20 15.05 -34.10
C TRP A 353 4.84 14.84 -32.62
N TYR A 354 3.69 14.25 -32.36
CA TYR A 354 3.29 14.03 -30.95
C TYR A 354 4.22 13.03 -30.25
N GLU A 355 4.73 12.07 -31.01
CA GLU A 355 5.71 11.11 -30.49
C GLU A 355 7.02 11.82 -30.14
N ARG A 356 7.46 12.76 -30.99
CA ARG A 356 8.70 13.48 -30.71
C ARG A 356 8.53 14.43 -29.52
N PHE A 357 7.29 14.83 -29.21
CA PHE A 357 7.03 15.61 -28.01
C PHE A 357 6.87 14.73 -26.74
N GLY A 358 7.20 13.45 -26.85
CA GLY A 358 7.21 12.54 -25.70
C GLY A 358 5.92 11.86 -25.35
N PHE A 359 4.85 12.11 -26.11
CA PHE A 359 3.56 11.50 -25.79
C PHE A 359 3.52 10.04 -26.16
N GLY A 360 2.73 9.29 -25.39
CA GLY A 360 2.61 7.86 -25.57
C GLY A 360 3.74 7.06 -24.98
N LYS A 361 4.70 7.72 -24.34
CA LYS A 361 5.84 7.06 -23.71
C LYS A 361 6.05 7.61 -22.32
N SER A 362 6.42 6.74 -21.39
CA SER A 362 6.79 7.16 -20.05
C SER A 362 7.97 8.17 -20.10
N THR A 363 8.00 9.12 -19.17
CA THR A 363 9.10 10.08 -19.12
C THR A 363 10.32 9.46 -18.45
N LYS A 364 10.15 8.27 -17.87
CA LYS A 364 11.23 7.54 -17.19
C LYS A 364 11.65 8.22 -15.90
N GLY A 365 10.70 8.80 -15.19
CA GLY A 365 10.98 9.40 -13.90
C GLY A 365 11.13 8.28 -12.89
N MSE A 366 11.46 8.64 -11.66
CA MSE A 366 11.68 7.65 -10.62
C MSE A 366 10.42 7.24 -9.88
O MSE A 366 10.48 6.44 -8.96
CB MSE A 366 12.76 8.21 -9.71
CG MSE A 366 14.08 8.27 -10.49
SE MSE A 366 15.42 9.06 -9.25
CE MSE A 366 16.21 7.30 -8.86
N PHE A 367 9.25 7.73 -10.30
CA PHE A 367 8.02 7.34 -9.63
C PHE A 367 7.64 5.95 -10.14
N ASP A 368 7.08 5.12 -9.26
CA ASP A 368 6.70 3.76 -9.65
C ASP A 368 5.46 3.76 -10.55
N GLY A 369 5.39 2.79 -11.45
CA GLY A 369 4.23 2.61 -12.32
C GLY A 369 3.80 3.81 -13.13
N GLU A 370 4.77 4.51 -13.69
CA GLU A 370 4.45 5.69 -14.50
C GLU A 370 3.65 5.30 -15.72
N ALA A 371 2.52 5.97 -15.94
CA ALA A 371 1.68 5.67 -17.08
C ALA A 371 2.28 6.22 -18.38
N PRO A 372 2.14 5.46 -19.48
CA PRO A 372 2.65 5.96 -20.75
C PRO A 372 1.64 6.83 -21.52
N GLY A 373 0.36 6.75 -21.16
CA GLY A 373 -0.71 7.37 -21.94
C GLY A 373 -0.76 6.73 -23.32
N GLN A 374 -1.50 7.34 -24.25
CA GLN A 374 -1.55 6.84 -25.63
C GLN A 374 -2.03 7.91 -26.60
N ILE A 375 -1.42 7.92 -27.77
CA ILE A 375 -1.81 8.83 -28.84
C ILE A 375 -2.99 8.18 -29.56
N GLY A 376 -4.16 8.82 -29.53
CA GLY A 376 -5.37 8.31 -30.17
C GLY A 376 -5.31 8.66 -31.65
N TRP A 377 -4.98 7.67 -32.49
CA TRP A 377 -4.79 7.90 -33.90
C TRP A 377 -5.37 6.80 -34.80
N SER A 378 -6.28 5.98 -34.26
CA SER A 378 -6.86 4.81 -35.00
C SER A 378 -7.67 5.10 -36.26
N ASN A 379 -8.33 6.25 -36.29
CA ASN A 379 -9.15 6.69 -37.43
C ASN A 379 -9.11 8.21 -37.50
N GLU A 380 -9.71 8.80 -38.54
CA GLU A 380 -9.64 10.26 -38.69
C GLU A 380 -10.33 11.00 -37.53
N LEU A 381 -11.37 10.41 -36.94
CA LEU A 381 -12.04 11.10 -35.83
C LEU A 381 -11.12 11.21 -34.62
N GLN A 382 -10.38 10.15 -34.31
CA GLN A 382 -9.43 10.20 -33.19
C GLN A 382 -8.30 11.17 -33.51
N GLN A 383 -7.84 11.14 -34.76
CA GLN A 383 -6.77 12.04 -35.17
C GLN A 383 -7.18 13.50 -35.01
N LYS A 384 -8.36 13.83 -35.56
CA LYS A 384 -8.84 15.21 -35.52
C LYS A 384 -9.14 15.68 -34.09
N THR A 385 -9.80 14.83 -33.30
CA THR A 385 -10.08 15.20 -31.89
C THR A 385 -8.77 15.27 -31.08
N SER A 386 -7.76 14.49 -31.46
CA SER A 386 -6.45 14.57 -30.80
C SER A 386 -5.80 15.93 -31.00
N SER A 387 -6.10 16.62 -32.11
CA SER A 387 -5.51 17.95 -32.38
C SER A 387 -5.91 18.98 -31.30
N PHE A 388 -7.03 18.73 -30.62
CA PHE A 388 -7.45 19.59 -29.50
C PHE A 388 -7.48 18.85 -28.14
N GLY A 389 -6.69 17.78 -28.05
CA GLY A 389 -6.53 17.10 -26.78
C GLY A 389 -7.59 16.16 -26.28
N GLN A 390 -8.44 15.64 -27.17
CA GLN A 390 -9.38 14.57 -26.79
C GLN A 390 -8.85 13.31 -27.43
N SER A 391 -9.38 12.16 -27.03
CA SER A 391 -8.95 10.83 -27.55
C SER A 391 -7.59 10.43 -27.04
N THR A 392 -6.59 11.25 -27.33
CA THR A 392 -5.26 10.99 -26.82
C THR A 392 -5.30 11.17 -25.30
N THR A 393 -4.54 10.36 -24.58
CA THR A 393 -4.44 10.49 -23.13
C THR A 393 -2.99 10.75 -22.76
N VAL A 394 -2.79 11.52 -21.70
CA VAL A 394 -1.48 11.94 -21.26
C VAL A 394 -1.39 11.99 -19.75
N THR A 395 -0.17 12.03 -19.25
CA THR A 395 0.07 12.29 -17.84
C THR A 395 0.45 13.75 -17.71
N PRO A 396 0.21 14.35 -16.54
CA PRO A 396 0.68 15.73 -16.31
C PRO A 396 2.19 15.90 -16.47
N VAL A 397 2.98 14.89 -16.08
CA VAL A 397 4.43 15.00 -16.23
C VAL A 397 4.84 15.09 -17.72
N GLN A 398 4.13 14.38 -18.59
CA GLN A 398 4.40 14.48 -20.04
C GLN A 398 4.12 15.88 -20.53
N MSE A 399 3.02 16.45 -20.03
CA MSE A 399 2.64 17.80 -20.42
C MSE A 399 3.69 18.81 -20.05
O MSE A 399 3.97 19.71 -20.83
CB MSE A 399 1.29 18.20 -19.80
CG MSE A 399 0.11 17.40 -20.31
SE MSE A 399 -0.31 17.76 -22.21
CE MSE A 399 -0.71 19.66 -22.05
N LEU A 400 4.24 18.71 -18.82
CA LEU A 400 5.30 19.61 -18.33
C LEU A 400 6.55 19.46 -19.16
N GLN A 401 6.88 18.19 -19.45
CA GLN A 401 8.06 17.89 -20.25
C GLN A 401 7.97 18.53 -21.64
N ALA A 402 6.83 18.35 -22.30
CA ALA A 402 6.59 18.93 -23.61
C ALA A 402 6.62 20.46 -23.59
N GLN A 403 5.92 21.05 -22.62
CA GLN A 403 5.85 22.51 -22.54
C GLN A 403 7.19 23.17 -22.30
N SER A 404 8.09 22.49 -21.59
CA SER A 404 9.40 23.05 -21.29
C SER A 404 10.20 23.41 -22.54
N ALA A 405 9.89 22.74 -23.65
CA ALA A 405 10.59 22.99 -24.91
C ALA A 405 10.50 24.45 -25.35
N PHE A 406 9.37 25.10 -25.05
CA PHE A 406 9.18 26.47 -25.49
C PHE A 406 10.06 27.49 -24.78
N PHE A 407 10.65 27.10 -23.65
CA PHE A 407 11.45 28.03 -22.83
C PHE A 407 12.91 27.63 -22.71
N ASN A 408 13.29 26.60 -23.46
CA ASN A 408 14.67 26.06 -23.44
C ASN A 408 15.22 25.80 -24.85
N ASP A 409 14.96 26.75 -25.75
CA ASP A 409 15.44 26.71 -27.15
C ASP A 409 14.98 25.48 -27.94
N GLY A 410 13.85 24.91 -27.54
CA GLY A 410 13.31 23.72 -28.18
C GLY A 410 13.64 22.41 -27.48
N ASN A 411 14.50 22.46 -26.47
CA ASN A 411 14.88 21.27 -25.69
C ASN A 411 13.84 20.97 -24.60
N MSE A 412 13.28 19.77 -24.61
CA MSE A 412 12.39 19.37 -23.50
C MSE A 412 13.29 18.98 -22.37
O MSE A 412 14.31 18.30 -22.57
CB MSE A 412 11.55 18.14 -23.79
CG MSE A 412 10.57 18.43 -24.91
SE MSE A 412 9.41 16.87 -25.24
CE MSE A 412 10.83 15.57 -25.72
N LEU A 413 12.90 19.37 -21.16
CA LEU A 413 13.61 18.99 -19.95
C LEU A 413 12.87 17.85 -19.26
N LYS A 414 13.61 16.81 -18.86
CA LYS A 414 13.02 15.69 -18.14
C LYS A 414 12.68 16.16 -16.74
N PRO A 415 11.39 16.15 -16.39
CA PRO A 415 11.10 16.60 -15.03
C PRO A 415 11.68 15.67 -13.95
N TRP A 416 12.06 16.25 -12.83
CA TRP A 416 12.64 15.49 -11.72
C TRP A 416 12.27 16.03 -10.38
N PHE A 417 12.16 15.15 -9.41
CA PHE A 417 11.77 15.54 -8.05
C PHE A 417 12.72 15.01 -6.98
N VAL A 418 13.67 14.17 -7.36
CA VAL A 418 14.62 13.65 -6.40
C VAL A 418 15.93 14.31 -6.60
N ASN A 419 16.37 15.02 -5.57
CA ASN A 419 17.62 15.72 -5.65
C ASN A 419 18.79 14.84 -5.28
N SER A 420 18.63 14.01 -4.23
N SER A 420 18.64 14.01 -4.25
CA SER A 420 19.71 13.19 -3.71
CA SER A 420 19.69 13.09 -3.84
C SER A 420 19.23 12.01 -2.85
C SER A 420 19.21 11.98 -2.93
N VAL A 421 20.02 10.93 -2.86
CA VAL A 421 19.81 9.80 -1.96
C VAL A 421 21.19 9.67 -1.37
N GLU A 422 21.30 9.91 -0.06
CA GLU A 422 22.60 9.87 0.57
C GLU A 422 22.57 9.44 2.02
N ASN A 423 23.66 8.84 2.49
CA ASN A 423 23.72 8.43 3.88
C ASN A 423 24.37 9.51 4.71
N PRO A 424 23.71 9.93 5.80
CA PRO A 424 24.28 11.02 6.59
C PRO A 424 25.44 10.64 7.50
N VAL A 425 25.67 9.35 7.69
CA VAL A 425 26.82 8.90 8.49
C VAL A 425 28.07 8.75 7.61
N SER A 426 27.96 7.94 6.57
CA SER A 426 29.10 7.68 5.67
C SER A 426 29.36 8.82 4.68
N LYS A 427 28.33 9.61 4.41
CA LYS A 427 28.31 10.71 3.44
C LYS A 427 28.32 10.17 2.00
N ARG A 428 28.05 8.89 1.84
CA ARG A 428 27.96 8.32 0.51
C ARG A 428 26.73 8.81 -0.22
N GLN A 429 26.92 9.26 -1.47
CA GLN A 429 25.83 9.72 -2.35
C GLN A 429 25.51 8.62 -3.36
N PHE A 430 24.37 8.00 -3.16
CA PHE A 430 23.92 6.91 -4.04
C PHE A 430 23.34 7.45 -5.35
N TYR A 431 22.78 8.65 -5.32
CA TYR A 431 22.13 9.20 -6.48
C TYR A 431 22.08 10.69 -6.37
N LYS A 432 22.27 11.37 -7.50
CA LYS A 432 22.17 12.82 -7.52
C LYS A 432 21.40 13.21 -8.77
N GLY A 433 20.29 13.92 -8.58
CA GLY A 433 19.48 14.33 -9.70
C GLY A 433 20.12 15.46 -10.45
N GLN A 434 19.69 15.65 -11.69
CA GLN A 434 20.23 16.73 -12.52
C GLN A 434 19.31 17.01 -13.68
N LYS A 435 19.46 18.21 -14.23
CA LYS A 435 18.78 18.64 -15.43
C LYS A 435 19.19 17.71 -16.56
N GLN A 436 18.25 17.24 -17.34
CA GLN A 436 18.52 16.31 -18.45
C GLN A 436 17.59 16.59 -19.58
N ILE A 437 18.14 16.68 -20.80
CA ILE A 437 17.33 16.93 -21.98
C ILE A 437 16.62 15.63 -22.43
N ALA A 438 15.29 15.69 -22.55
CA ALA A 438 14.46 14.55 -22.94
C ALA A 438 14.30 14.44 -24.44
N GLY A 439 14.69 15.49 -25.14
CA GLY A 439 14.60 15.52 -26.59
C GLY A 439 14.50 16.95 -27.06
N LYS A 440 14.83 17.20 -28.33
CA LYS A 440 14.73 18.56 -28.87
C LYS A 440 13.85 18.48 -30.11
N PRO A 441 12.52 18.47 -29.91
CA PRO A 441 11.60 18.32 -31.04
C PRO A 441 11.47 19.53 -31.96
N ILE A 442 11.84 20.71 -31.49
CA ILE A 442 11.70 21.93 -32.29
C ILE A 442 12.93 22.80 -32.19
N THR A 443 13.02 23.74 -33.13
CA THR A 443 14.11 24.71 -33.16
C THR A 443 13.81 25.85 -32.20
N LYS A 444 14.83 26.64 -31.90
CA LYS A 444 14.69 27.85 -31.07
C LYS A 444 13.68 28.83 -31.72
N ASP A 445 13.75 28.99 -33.05
CA ASP A 445 12.84 29.88 -33.78
C ASP A 445 11.37 29.45 -33.59
N THR A 446 11.13 28.15 -33.65
CA THR A 446 9.79 27.62 -33.47
C THR A 446 9.29 27.87 -32.04
N ALA A 447 10.16 27.66 -31.07
CA ALA A 447 9.80 27.88 -29.65
C ALA A 447 9.39 29.35 -29.37
N GLU A 448 10.14 30.27 -29.97
CA GLU A 448 9.88 31.71 -29.84
C GLU A 448 8.53 32.07 -30.45
N LYS A 449 8.22 31.47 -31.59
CA LYS A 449 6.93 31.72 -32.25
C LYS A 449 5.77 31.13 -31.46
N VAL A 450 5.97 29.97 -30.84
CA VAL A 450 4.94 29.40 -29.97
C VAL A 450 4.73 30.33 -28.78
N GLU A 451 5.81 30.80 -28.16
CA GLU A 451 5.67 31.69 -27.00
C GLU A 451 4.91 32.98 -27.34
N LYS A 452 5.09 33.49 -28.55
CA LYS A 452 4.40 34.70 -29.00
C LYS A 452 2.87 34.47 -28.94
N GLN A 453 2.42 33.28 -29.35
CA GLN A 453 1.00 32.96 -29.34
C GLN A 453 0.49 32.73 -27.90
N LEU A 454 1.30 32.08 -27.07
CA LEU A 454 0.94 31.87 -25.63
C LEU A 454 0.77 33.22 -24.92
N ASP A 455 1.60 34.18 -25.27
CA ASP A 455 1.51 35.54 -24.73
C ASP A 455 0.13 36.12 -25.14
N LEU A 456 -0.19 36.00 -26.42
CA LEU A 456 -1.46 36.50 -26.94
C LEU A 456 -2.68 35.84 -26.32
N VAL A 457 -2.64 34.52 -26.10
CA VAL A 457 -3.77 33.82 -25.47
C VAL A 457 -4.30 34.59 -24.25
N VAL A 458 -3.37 34.99 -23.39
CA VAL A 458 -3.70 35.71 -22.15
C VAL A 458 -3.75 37.24 -22.28
N ASN A 459 -2.91 37.80 -23.14
CA ASN A 459 -2.74 39.25 -23.20
C ASN A 459 -3.30 40.00 -24.43
N SER A 460 -3.81 39.26 -25.42
CA SER A 460 -4.45 39.91 -26.57
C SER A 460 -5.65 40.74 -26.13
N LYS A 461 -5.95 41.81 -26.89
CA LYS A 461 -7.12 42.64 -26.62
C LYS A 461 -8.40 41.83 -26.85
N LYS A 462 -8.29 40.76 -27.65
CA LYS A 462 -9.41 39.85 -27.90
C LYS A 462 -9.30 38.55 -27.08
N SER A 463 -8.50 38.58 -26.01
CA SER A 463 -8.30 37.38 -25.17
C SER A 463 -9.58 36.89 -24.50
N HIS A 464 -9.69 35.57 -24.38
CA HIS A 464 -10.78 34.90 -23.68
C HIS A 464 -10.25 34.24 -22.40
N ALA A 465 -9.01 34.60 -22.02
CA ALA A 465 -8.36 34.05 -20.85
C ALA A 465 -7.79 35.17 -19.97
N ALA A 466 -8.49 36.30 -19.93
CA ALA A 466 -8.05 37.47 -19.14
C ALA A 466 -8.11 37.19 -17.63
N ASN A 467 -8.93 36.23 -17.24
CA ASN A 467 -9.04 35.85 -15.82
C ASN A 467 -7.76 35.23 -15.24
N TYR A 468 -6.82 34.84 -16.11
CA TYR A 468 -5.53 34.30 -15.66
C TYR A 468 -4.48 35.38 -15.45
N ARG A 469 -4.82 36.63 -15.74
CA ARG A 469 -3.89 37.74 -15.55
C ARG A 469 -3.70 37.99 -14.06
N ILE A 470 -2.47 38.36 -13.69
CA ILE A 470 -2.14 38.66 -12.32
C ILE A 470 -1.68 40.10 -12.27
N ASP A 471 -2.40 40.91 -11.50
CA ASP A 471 -2.07 42.32 -11.39
C ASP A 471 -0.60 42.48 -10.96
N GLY A 472 0.19 43.15 -11.79
CA GLY A 472 1.60 43.40 -11.49
C GLY A 472 2.60 42.43 -12.09
N TYR A 473 2.12 41.40 -12.81
CA TYR A 473 3.01 40.42 -13.45
C TYR A 473 2.58 40.10 -14.86
N GLU A 474 3.53 39.67 -15.68
N GLU A 474 3.54 39.65 -15.66
CA GLU A 474 3.21 39.28 -17.03
CA GLU A 474 3.30 39.29 -17.05
C GLU A 474 3.19 37.76 -17.06
C GLU A 474 3.23 37.75 -17.13
N VAL A 475 2.05 37.23 -17.47
CA VAL A 475 1.78 35.80 -17.53
C VAL A 475 1.39 35.42 -18.95
N GLU A 476 1.61 34.15 -19.27
CA GLU A 476 1.21 33.59 -20.54
C GLU A 476 0.88 32.11 -20.32
N GLY A 477 0.22 31.51 -21.29
CA GLY A 477 -0.14 30.13 -21.18
C GLY A 477 -1.30 29.76 -22.07
N LYS A 478 -1.85 28.58 -21.83
CA LYS A 478 -2.92 28.03 -22.63
C LYS A 478 -3.93 27.34 -21.74
N THR A 479 -5.22 27.57 -22.01
CA THR A 479 -6.30 26.92 -21.27
C THR A 479 -6.77 25.66 -21.97
N GLY A 480 -7.41 24.79 -21.19
CA GLY A 480 -8.07 23.58 -21.69
C GLY A 480 -9.42 23.46 -21.01
N THR A 481 -10.42 22.93 -21.73
CA THR A 481 -11.78 22.70 -21.21
C THR A 481 -12.25 21.39 -21.85
N ALA A 482 -11.75 20.26 -21.35
CA ALA A 482 -11.99 18.96 -21.96
C ALA A 482 -13.16 18.14 -21.46
N GLN A 483 -13.72 17.32 -22.34
CA GLN A 483 -14.72 16.35 -21.96
C GLN A 483 -13.95 15.21 -21.28
N VAL A 484 -14.62 14.53 -20.35
CA VAL A 484 -13.99 13.49 -19.55
C VAL A 484 -14.59 12.12 -19.85
N ALA A 485 -13.74 11.13 -20.08
CA ALA A 485 -14.23 9.79 -20.40
C ALA A 485 -14.89 9.14 -19.18
N ALA A 486 -16.09 8.58 -19.37
CA ALA A 486 -16.77 7.86 -18.29
C ALA A 486 -15.95 6.60 -17.98
N PRO A 487 -15.63 6.35 -16.68
CA PRO A 487 -14.80 5.18 -16.31
C PRO A 487 -15.39 3.82 -16.64
N ASN A 488 -16.72 3.72 -16.69
CA ASN A 488 -17.35 2.46 -17.03
C ASN A 488 -17.75 2.47 -18.52
N GLY A 489 -16.79 2.93 -19.35
CA GLY A 489 -16.97 2.98 -20.80
C GLY A 489 -18.18 3.75 -21.31
N GLY A 490 -18.53 3.48 -22.55
CA GLY A 490 -19.63 4.15 -23.23
C GLY A 490 -19.06 5.33 -23.97
N GLY A 491 -19.11 6.51 -23.33
CA GLY A 491 -18.60 7.74 -23.94
C GLY A 491 -18.01 8.71 -22.92
N TYR A 492 -18.50 9.94 -22.95
CA TYR A 492 -18.05 11.00 -22.05
C TYR A 492 -19.06 11.20 -20.93
N VAL A 493 -18.59 11.73 -19.81
CA VAL A 493 -19.47 12.01 -18.67
C VAL A 493 -20.50 13.08 -19.10
N LYS A 494 -21.76 12.83 -18.75
CA LYS A 494 -22.86 13.73 -19.07
C LYS A 494 -23.14 14.66 -17.89
N GLY A 495 -23.75 15.81 -18.17
CA GLY A 495 -24.09 16.80 -17.15
C GLY A 495 -24.02 18.21 -17.72
N PRO A 496 -24.31 19.23 -16.88
CA PRO A 496 -24.33 20.61 -17.36
C PRO A 496 -23.01 21.15 -17.87
N ASN A 497 -21.92 20.84 -17.17
CA ASN A 497 -20.58 21.31 -17.51
C ASN A 497 -19.59 20.24 -17.07
N PRO A 498 -19.61 19.08 -17.75
CA PRO A 498 -18.83 17.92 -17.34
C PRO A 498 -17.40 17.99 -17.89
N TYR A 499 -16.63 18.94 -17.38
CA TYR A 499 -15.31 19.16 -17.92
C TYR A 499 -14.12 19.01 -17.00
N PHE A 500 -12.99 18.75 -17.65
CA PHE A 500 -11.68 18.76 -17.05
C PHE A 500 -11.14 20.10 -17.52
N VAL A 501 -11.05 21.05 -16.59
CA VAL A 501 -10.59 22.40 -16.93
C VAL A 501 -9.16 22.53 -16.44
N SER A 502 -8.32 23.23 -17.21
CA SER A 502 -6.93 23.32 -16.84
C SER A 502 -6.25 24.51 -17.47
N PHE A 503 -5.04 24.80 -16.99
CA PHE A 503 -4.24 25.90 -17.51
C PHE A 503 -2.77 25.55 -17.39
N MSE A 504 -2.03 25.78 -18.46
CA MSE A 504 -0.57 25.53 -18.50
C MSE A 504 0.02 26.90 -18.63
O MSE A 504 0.05 27.47 -19.73
CB MSE A 504 -0.24 24.63 -19.69
CG MSE A 504 1.26 24.42 -19.93
SE MSE A 504 2.18 23.39 -18.53
CE MSE A 504 1.61 21.62 -19.11
N GLY A 505 0.53 27.43 -17.53
CA GLY A 505 1.05 28.80 -17.53
C GLY A 505 2.49 28.96 -17.13
N ASP A 506 3.06 30.10 -17.45
CA ASP A 506 4.43 30.38 -17.09
C ASP A 506 4.58 31.88 -16.92
N ALA A 507 5.56 32.27 -16.11
CA ALA A 507 5.85 33.66 -15.80
C ALA A 507 7.24 33.77 -15.18
N PRO A 508 7.93 34.92 -15.37
CA PRO A 508 7.48 36.04 -16.19
C PRO A 508 7.42 35.62 -17.66
N LYS A 509 6.51 36.19 -18.44
CA LYS A 509 6.35 35.71 -19.81
C LYS A 509 7.64 35.87 -20.63
N LYS A 510 7.81 34.98 -21.60
CA LYS A 510 8.99 34.92 -22.50
C LYS A 510 10.20 34.28 -21.82
N ASN A 511 10.56 34.81 -20.65
CA ASN A 511 11.73 34.34 -19.86
C ASN A 511 11.26 33.84 -18.49
N PRO A 512 10.42 32.79 -18.47
CA PRO A 512 9.87 32.39 -17.19
C PRO A 512 10.83 31.78 -16.18
N LYS A 513 10.43 31.91 -14.91
CA LYS A 513 11.11 31.32 -13.79
C LYS A 513 10.47 29.95 -13.54
N VAL A 514 9.14 29.90 -13.59
CA VAL A 514 8.41 28.67 -13.33
C VAL A 514 7.27 28.45 -14.30
N ILE A 515 6.88 27.19 -14.39
CA ILE A 515 5.74 26.74 -15.12
C ILE A 515 4.79 26.21 -14.04
N VAL A 516 3.52 26.63 -14.10
CA VAL A 516 2.51 26.15 -13.19
C VAL A 516 1.44 25.49 -14.03
N TYR A 517 1.17 24.20 -13.77
CA TYR A 517 0.14 23.45 -14.47
C TYR A 517 -0.86 22.99 -13.43
N ALA A 518 -2.11 23.38 -13.60
CA ALA A 518 -3.21 23.00 -12.68
C ALA A 518 -4.37 22.47 -13.49
N GLY A 519 -5.01 21.43 -12.96
CA GLY A 519 -6.15 20.80 -13.62
C GLY A 519 -7.21 20.41 -12.61
N MSE A 520 -8.48 20.54 -13.02
CA MSE A 520 -9.64 20.23 -12.16
C MSE A 520 -10.64 19.44 -12.98
O MSE A 520 -11.17 19.93 -13.98
CB MSE A 520 -10.28 21.52 -11.66
CG MSE A 520 -11.44 21.18 -10.73
SE MSE A 520 -12.04 22.76 -9.74
CE MSE A 520 -12.52 23.84 -11.31
N SER A 521 -10.92 18.22 -12.55
CA SER A 521 -11.85 17.36 -13.23
C SER A 521 -13.21 17.30 -12.54
N LEU A 522 -14.24 17.64 -13.31
CA LEU A 522 -15.63 17.47 -12.89
C LEU A 522 -16.03 18.12 -11.57
N ALA A 523 -16.14 19.44 -11.61
CA ALA A 523 -16.65 20.19 -10.48
C ALA A 523 -18.05 19.69 -10.15
N GLN A 524 -18.30 19.34 -8.88
CA GLN A 524 -19.64 18.88 -8.44
C GLN A 524 -20.44 20.02 -7.82
N LYS A 525 -19.77 21.14 -7.62
CA LYS A 525 -20.37 22.35 -7.08
C LYS A 525 -19.90 23.48 -7.99
N ASN A 526 -20.74 24.51 -8.20
CA ASN A 526 -20.37 25.66 -9.05
C ASN A 526 -19.77 25.24 -10.39
N ASP A 527 -20.39 24.26 -11.03
CA ASP A 527 -19.83 23.75 -12.31
C ASP A 527 -19.84 24.81 -13.40
N GLN A 528 -20.79 25.74 -13.32
CA GLN A 528 -20.88 26.80 -14.30
C GLN A 528 -19.66 27.72 -14.17
N GLU A 529 -19.34 28.11 -12.94
CA GLU A 529 -18.20 29.00 -12.73
C GLU A 529 -16.89 28.29 -13.11
N ALA A 530 -16.83 26.98 -12.87
CA ALA A 530 -15.65 26.22 -13.22
C ALA A 530 -15.43 26.24 -14.72
N TYR A 531 -16.51 26.13 -15.49
CA TYR A 531 -16.43 26.23 -16.95
C TYR A 531 -15.97 27.62 -17.35
N GLU A 532 -16.48 28.63 -16.67
CA GLU A 532 -16.15 30.01 -16.99
C GLU A 532 -14.73 30.42 -16.62
N LEU A 533 -14.32 30.10 -15.39
CA LEU A 533 -13.03 30.53 -14.85
C LEU A 533 -11.93 29.47 -14.87
N GLY A 534 -12.27 28.23 -15.24
CA GLY A 534 -11.28 27.15 -15.26
C GLY A 534 -10.61 27.04 -13.90
N VAL A 535 -9.28 27.01 -13.91
CA VAL A 535 -8.51 26.92 -12.68
C VAL A 535 -7.86 28.27 -12.34
N SER A 536 -8.42 29.38 -12.82
CA SER A 536 -7.81 30.71 -12.54
C SER A 536 -7.71 30.98 -11.02
N LYS A 537 -8.69 30.51 -10.26
CA LYS A 537 -8.65 30.74 -8.81
C LYS A 537 -7.54 29.98 -8.07
N ALA A 538 -6.88 29.03 -8.77
CA ALA A 538 -5.74 28.31 -8.20
C ALA A 538 -4.43 28.85 -8.81
N PHE A 539 -4.43 29.03 -10.13
CA PHE A 539 -3.24 29.55 -10.82
C PHE A 539 -2.79 30.92 -10.29
N LYS A 540 -3.73 31.85 -10.12
CA LYS A 540 -3.36 33.19 -9.68
C LYS A 540 -2.63 33.24 -8.33
N PRO A 541 -3.22 32.65 -7.27
CA PRO A 541 -2.51 32.66 -6.00
C PRO A 541 -1.23 31.83 -6.01
N ILE A 542 -1.25 30.67 -6.67
CA ILE A 542 -0.02 29.87 -6.72
C ILE A 542 1.10 30.66 -7.41
N MSE A 543 0.80 31.20 -8.59
CA MSE A 543 1.82 31.89 -9.37
C MSE A 543 2.24 33.17 -8.72
O MSE A 543 3.44 33.45 -8.68
CB MSE A 543 1.32 32.15 -10.80
CG MSE A 543 2.33 32.90 -11.66
SE MSE A 543 3.97 31.82 -11.92
CE MSE A 543 3.37 30.86 -13.53
N GLU A 544 1.30 33.95 -8.21
CA GLU A 544 1.66 35.23 -7.61
C GLU A 544 2.52 35.02 -6.39
N ASN A 545 2.11 34.10 -5.50
CA ASN A 545 2.89 33.85 -4.29
C ASN A 545 4.29 33.28 -4.57
N THR A 546 4.36 32.43 -5.59
CA THR A 546 5.62 31.81 -5.98
C THR A 546 6.60 32.84 -6.54
N LEU A 547 6.12 33.69 -7.44
CA LEU A 547 6.98 34.74 -8.03
C LEU A 547 7.52 35.69 -6.96
N LYS A 548 6.69 36.03 -5.97
N LYS A 548 6.69 36.04 -5.97
CA LYS A 548 7.12 36.90 -4.88
CA LYS A 548 7.17 36.91 -4.89
C LYS A 548 8.20 36.20 -4.06
C LYS A 548 8.22 36.20 -4.04
N TYR A 549 7.95 34.93 -3.70
CA TYR A 549 8.90 34.13 -2.92
C TYR A 549 10.24 33.98 -3.65
N LEU A 550 10.18 33.87 -4.97
CA LEU A 550 11.38 33.74 -5.82
C LEU A 550 11.97 35.13 -6.15
N ASN A 551 11.46 36.18 -5.52
CA ASN A 551 11.96 37.55 -5.70
C ASN A 551 11.91 38.11 -7.14
N VAL A 552 10.77 37.94 -7.79
CA VAL A 552 10.57 38.49 -9.13
C VAL A 552 9.89 39.84 -8.98
N GLY A 553 10.48 40.87 -9.59
CA GLY A 553 9.99 42.25 -9.49
C GLY A 553 8.56 42.46 -9.99
N LYS A 554 7.74 43.10 -9.16
CA LYS A 554 6.35 43.40 -9.49
C LYS A 554 6.25 44.82 -10.06
N SER A 555 5.20 45.08 -10.85
CA SER A 555 4.94 46.40 -11.43
C SER A 555 3.49 46.83 -11.18
N GLN B 26 -13.07 2.16 -20.86
CA GLN B 26 -13.21 1.13 -19.79
C GLN B 26 -11.93 0.28 -19.68
N GLN B 27 -11.56 -0.05 -18.45
CA GLN B 27 -10.37 -0.85 -18.18
C GLN B 27 -10.50 -2.30 -18.63
N PRO B 28 -9.38 -2.93 -19.02
CA PRO B 28 -9.51 -4.37 -19.28
C PRO B 28 -9.82 -5.13 -17.98
N GLU B 29 -10.41 -6.31 -18.11
CA GLU B 29 -10.72 -7.11 -16.94
C GLU B 29 -9.43 -7.56 -16.28
N ARG B 30 -9.33 -7.36 -14.98
CA ARG B 30 -8.18 -7.81 -14.23
C ARG B 30 -8.30 -9.34 -14.08
N GLY B 31 -7.18 -10.05 -14.18
CA GLY B 31 -7.20 -11.51 -14.04
C GLY B 31 -7.69 -11.98 -12.68
N LYS B 32 -8.09 -13.24 -12.63
CA LYS B 32 -8.57 -13.83 -11.40
C LYS B 32 -7.47 -14.49 -10.61
N ILE B 33 -7.71 -14.64 -9.31
CA ILE B 33 -6.81 -15.40 -8.44
C ILE B 33 -7.61 -16.65 -8.07
N TYR B 34 -7.03 -17.83 -8.27
CA TYR B 34 -7.73 -19.12 -8.04
C TYR B 34 -7.03 -19.98 -7.02
N ASP B 35 -7.77 -20.86 -6.36
CA ASP B 35 -7.16 -21.82 -5.45
C ASP B 35 -6.74 -23.03 -6.32
N ARG B 36 -6.14 -24.07 -5.73
CA ARG B 36 -5.61 -25.20 -6.52
C ARG B 36 -6.65 -26.03 -7.29
N ASN B 37 -7.93 -25.86 -6.95
CA ASN B 37 -9.03 -26.61 -7.58
C ASN B 37 -9.89 -25.74 -8.51
N GLY B 38 -9.42 -24.53 -8.81
CA GLY B 38 -10.17 -23.64 -9.69
C GLY B 38 -11.27 -22.83 -9.02
N LYS B 39 -11.29 -22.76 -7.68
CA LYS B 39 -12.29 -21.93 -6.99
C LYS B 39 -11.79 -20.51 -6.99
N VAL B 40 -12.70 -19.58 -7.26
CA VAL B 40 -12.32 -18.16 -7.35
C VAL B 40 -12.04 -17.55 -5.97
N LEU B 41 -10.84 -16.97 -5.85
CA LEU B 41 -10.42 -16.27 -4.63
C LEU B 41 -10.56 -14.74 -4.84
N ALA B 42 -10.39 -14.27 -6.08
CA ALA B 42 -10.55 -12.84 -6.41
C ALA B 42 -10.93 -12.70 -7.88
N GLU B 43 -11.83 -11.76 -8.19
CA GLU B 43 -12.24 -11.47 -9.56
C GLU B 43 -12.85 -10.09 -9.67
N ASP B 44 -12.97 -9.57 -10.88
CA ASP B 44 -13.69 -8.31 -11.13
C ASP B 44 -15.18 -8.65 -11.29
N VAL B 45 -16.06 -7.79 -10.75
CA VAL B 45 -17.52 -7.95 -10.87
C VAL B 45 -18.18 -6.61 -11.12
N GLU B 46 -19.46 -6.63 -11.51
CA GLU B 46 -20.22 -5.38 -11.69
C GLU B 46 -21.00 -5.08 -10.42
N ARG B 47 -20.80 -3.89 -9.85
CA ARG B 47 -21.55 -3.42 -8.68
C ARG B 47 -22.18 -2.09 -9.10
N TYR B 48 -22.80 -1.36 -8.15
CA TYR B 48 -23.54 -0.14 -8.51
C TYR B 48 -23.27 1.05 -7.60
N LYS B 49 -23.31 2.25 -8.20
CA LYS B 49 -23.09 3.47 -7.46
C LYS B 49 -24.39 4.26 -7.44
N LEU B 50 -24.76 4.76 -6.27
CA LEU B 50 -25.98 5.53 -6.11
C LEU B 50 -25.78 6.99 -6.55
N VAL B 51 -26.66 7.48 -7.43
CA VAL B 51 -26.62 8.85 -7.89
C VAL B 51 -27.98 9.53 -7.69
N ALA B 52 -27.96 10.77 -7.20
CA ALA B 52 -29.20 11.51 -6.97
C ALA B 52 -29.17 12.86 -7.67
N VAL B 53 -30.09 13.05 -8.60
CA VAL B 53 -30.23 14.32 -9.32
C VAL B 53 -31.08 15.26 -8.45
N ILE B 54 -30.53 16.43 -8.09
CA ILE B 54 -31.27 17.41 -7.26
C ILE B 54 -31.64 18.74 -7.97
N ASP B 55 -31.20 18.92 -9.21
CA ASP B 55 -31.46 20.17 -9.94
C ASP B 55 -32.83 20.16 -10.64
N LYS B 56 -33.58 21.26 -10.47
CA LYS B 56 -34.92 21.43 -11.09
C LYS B 56 -34.95 21.16 -12.59
N LYS B 57 -33.90 21.61 -13.29
CA LYS B 57 -33.76 21.47 -14.76
C LYS B 57 -34.16 20.11 -15.35
N ALA B 58 -33.85 19.03 -14.64
CA ALA B 58 -34.20 17.67 -15.12
C ALA B 58 -35.72 17.48 -15.24
N SER B 59 -36.50 18.27 -14.49
CA SER B 59 -37.97 18.17 -14.50
C SER B 59 -38.67 19.33 -15.22
N ALA B 60 -37.91 20.18 -15.90
CA ALA B 60 -38.49 21.34 -16.61
C ALA B 60 -39.64 20.92 -17.54
N ASN B 61 -39.36 19.96 -18.41
CA ASN B 61 -40.33 19.42 -19.37
C ASN B 61 -40.62 17.95 -19.05
N SER B 62 -41.29 17.72 -17.93
CA SER B 62 -41.63 16.37 -17.49
C SER B 62 -42.93 16.40 -16.66
N LYS B 63 -43.78 15.39 -16.84
CA LYS B 63 -45.04 15.32 -16.12
C LYS B 63 -44.72 14.96 -14.67
N LYS B 64 -43.83 13.97 -14.49
CA LYS B 64 -43.38 13.55 -13.16
C LYS B 64 -42.00 14.12 -12.85
N PRO B 65 -41.69 14.32 -11.56
CA PRO B 65 -40.36 14.86 -11.22
C PRO B 65 -39.23 13.88 -11.57
N ARG B 66 -38.10 14.44 -12.01
CA ARG B 66 -36.91 13.68 -12.36
C ARG B 66 -35.73 14.13 -11.50
N HIS B 67 -36.05 14.85 -10.42
CA HIS B 67 -35.05 15.29 -9.46
C HIS B 67 -35.69 15.05 -8.09
N VAL B 68 -34.87 15.11 -7.05
CA VAL B 68 -35.35 14.85 -5.69
C VAL B 68 -36.20 16.03 -5.20
N VAL B 69 -37.51 15.81 -5.08
CA VAL B 69 -38.42 16.85 -4.59
C VAL B 69 -38.60 16.80 -3.05
N ASP B 70 -38.61 15.61 -2.46
CA ASP B 70 -38.76 15.44 -1.00
C ASP B 70 -37.46 14.85 -0.46
N LYS B 71 -36.55 15.72 -0.03
CA LYS B 71 -35.23 15.30 0.48
C LYS B 71 -35.33 14.52 1.80
N LYS B 72 -36.22 14.94 2.70
CA LYS B 72 -36.39 14.23 3.97
C LYS B 72 -36.82 12.78 3.77
N GLU B 73 -37.79 12.54 2.88
CA GLU B 73 -38.30 11.18 2.65
C GLU B 73 -37.32 10.32 1.88
N THR B 74 -36.67 10.94 0.89
CA THR B 74 -35.65 10.24 0.12
C THR B 74 -34.55 9.78 1.06
N ALA B 75 -34.12 10.65 1.97
CA ALA B 75 -33.09 10.30 2.96
C ALA B 75 -33.53 9.17 3.89
N LYS B 76 -34.79 9.21 4.33
CA LYS B 76 -35.31 8.15 5.19
C LYS B 76 -35.28 6.79 4.48
N LYS B 77 -35.79 6.78 3.24
CA LYS B 77 -35.86 5.55 2.44
C LYS B 77 -34.51 5.01 1.98
N LEU B 78 -33.60 5.91 1.64
CA LEU B 78 -32.24 5.47 1.22
C LEU B 78 -31.41 4.92 2.38
N SER B 79 -31.68 5.41 3.59
CA SER B 79 -30.93 4.96 4.80
C SER B 79 -31.15 3.46 5.09
N THR B 80 -32.14 2.86 4.44
CA THR B 80 -32.48 1.44 4.62
C THR B 80 -31.60 0.51 3.79
N VAL B 81 -30.82 1.08 2.86
CA VAL B 81 -29.98 0.29 1.97
C VAL B 81 -28.53 0.70 2.12
N ILE B 82 -28.27 2.00 2.12
CA ILE B 82 -26.90 2.45 2.33
C ILE B 82 -26.79 2.67 3.84
N ASN B 83 -25.67 2.30 4.42
CA ASN B 83 -25.51 2.39 5.87
C ASN B 83 -25.15 3.83 6.24
N MSE B 84 -26.13 4.73 6.07
CA MSE B 84 -25.96 6.16 6.36
C MSE B 84 -27.20 6.69 7.01
O MSE B 84 -28.32 6.39 6.56
CB MSE B 84 -25.70 6.93 5.06
CG MSE B 84 -25.26 8.38 5.32
SE MSE B 84 -24.74 9.30 3.62
CE MSE B 84 -22.90 8.61 3.40
N LYS B 85 -27.02 7.49 8.06
CA LYS B 85 -28.13 8.11 8.80
C LYS B 85 -28.94 9.06 7.90
N PRO B 86 -30.27 9.13 8.09
CA PRO B 86 -31.09 10.05 7.29
C PRO B 86 -30.64 11.50 7.37
N GLU B 87 -30.27 11.98 8.56
CA GLU B 87 -29.79 13.38 8.68
C GLU B 87 -28.54 13.64 7.81
N GLU B 88 -27.66 12.67 7.70
CA GLU B 88 -26.47 12.83 6.85
C GLU B 88 -26.86 12.85 5.37
N ILE B 89 -27.72 11.92 4.94
CA ILE B 89 -28.17 11.88 3.54
C ILE B 89 -28.86 13.18 3.17
N GLU B 90 -29.76 13.62 4.06
CA GLU B 90 -30.49 14.85 3.86
C GLU B 90 -29.50 16.02 3.74
N LYS B 91 -28.48 16.05 4.59
CA LYS B 91 -27.47 17.12 4.54
C LYS B 91 -26.78 17.12 3.18
N ARG B 92 -26.38 15.93 2.72
CA ARG B 92 -25.72 15.78 1.41
C ARG B 92 -26.66 16.21 0.28
N LEU B 93 -27.95 15.85 0.38
CA LEU B 93 -28.93 16.25 -0.62
C LEU B 93 -29.18 17.76 -0.63
N SER B 94 -28.89 18.43 0.48
CA SER B 94 -29.13 19.88 0.59
C SER B 94 -27.99 20.78 0.06
N GLN B 95 -26.95 20.18 -0.52
CA GLN B 95 -25.82 20.94 -1.07
C GLN B 95 -26.26 21.97 -2.12
N LYS B 96 -25.81 23.20 -1.96
CA LYS B 96 -26.12 24.27 -2.91
C LYS B 96 -25.21 24.23 -4.13
N LYS B 97 -25.71 24.77 -5.24
CA LYS B 97 -24.99 24.86 -6.52
C LYS B 97 -24.46 23.50 -7.02
N ALA B 98 -25.23 22.43 -6.80
CA ALA B 98 -24.87 21.08 -7.24
C ALA B 98 -25.98 20.52 -8.14
N PHE B 99 -25.60 19.74 -9.15
CA PHE B 99 -26.55 19.14 -10.08
C PHE B 99 -26.91 17.73 -9.62
N GLN B 100 -25.88 16.94 -9.32
CA GLN B 100 -26.01 15.56 -8.85
C GLN B 100 -25.26 15.37 -7.56
N ILE B 101 -25.74 14.42 -6.77
CA ILE B 101 -25.15 14.11 -5.49
C ILE B 101 -24.80 12.62 -5.46
N GLU B 102 -23.61 12.34 -4.92
CA GLU B 102 -23.14 10.99 -4.66
C GLU B 102 -22.93 10.93 -3.17
N PHE B 103 -22.74 9.73 -2.63
CA PHE B 103 -22.72 9.56 -1.18
C PHE B 103 -21.45 8.93 -0.60
N GLY B 104 -20.32 9.14 -1.27
CA GLY B 104 -19.06 8.57 -0.79
C GLY B 104 -19.04 7.06 -0.93
N ARG B 105 -18.13 6.43 -0.19
CA ARG B 105 -17.95 4.96 -0.25
C ARG B 105 -19.22 4.14 0.06
N LYS B 106 -20.07 4.68 0.92
CA LYS B 106 -21.32 4.00 1.30
C LYS B 106 -22.32 3.93 0.15
N GLY B 107 -22.19 4.84 -0.81
CA GLY B 107 -23.02 4.86 -1.99
C GLY B 107 -22.45 4.08 -3.17
N THR B 108 -21.29 3.43 -2.99
CA THR B 108 -20.66 2.62 -4.05
C THR B 108 -20.58 1.15 -3.62
N ASN B 109 -20.16 0.30 -4.55
CA ASN B 109 -19.99 -1.14 -4.31
C ASN B 109 -21.31 -1.80 -3.89
N LEU B 110 -22.44 -1.19 -4.26
CA LEU B 110 -23.75 -1.72 -3.91
C LEU B 110 -24.06 -2.92 -4.80
N THR B 111 -24.73 -3.91 -4.23
CA THR B 111 -25.05 -5.15 -4.93
C THR B 111 -26.21 -4.99 -5.89
N TYR B 112 -26.37 -5.98 -6.78
CA TYR B 112 -27.51 -5.99 -7.68
C TYR B 112 -28.83 -6.06 -6.87
N GLN B 113 -28.78 -6.68 -5.69
CA GLN B 113 -29.96 -6.77 -4.81
C GLN B 113 -30.29 -5.39 -4.21
N ASP B 114 -29.26 -4.65 -3.81
CA ASP B 114 -29.44 -3.27 -3.30
C ASP B 114 -30.07 -2.40 -4.40
N LYS B 115 -29.58 -2.59 -5.63
CA LYS B 115 -30.09 -1.88 -6.81
C LYS B 115 -31.58 -2.06 -7.00
N LEU B 116 -32.06 -3.30 -7.05
CA LEU B 116 -33.50 -3.58 -7.23
C LEU B 116 -34.34 -3.02 -6.09
N LYS B 117 -33.82 -3.13 -4.86
CA LYS B 117 -34.52 -2.63 -3.68
C LYS B 117 -34.72 -1.12 -3.78
N ILE B 118 -33.66 -0.40 -4.18
CA ILE B 118 -33.73 1.06 -4.37
C ILE B 118 -34.63 1.44 -5.56
N GLU B 119 -34.51 0.73 -6.67
CA GLU B 119 -35.33 1.03 -7.87
C GLU B 119 -36.81 0.84 -7.63
N LYS B 120 -37.17 -0.15 -6.82
CA LYS B 120 -38.56 -0.46 -6.48
C LYS B 120 -39.20 0.68 -5.66
N MSE B 121 -38.37 1.50 -5.02
CA MSE B 121 -38.88 2.64 -4.23
C MSE B 121 -39.39 3.74 -5.13
O MSE B 121 -40.14 4.60 -4.69
CB MSE B 121 -37.81 3.21 -3.28
CG MSE B 121 -37.35 2.25 -2.18
SE MSE B 121 -35.73 2.94 -1.25
CE MSE B 121 -35.71 1.55 0.14
N ASN B 122 -38.97 3.74 -6.41
CA ASN B 122 -39.39 4.75 -7.40
C ASN B 122 -39.21 6.19 -6.89
N LEU B 123 -38.02 6.47 -6.33
CA LEU B 123 -37.72 7.79 -5.79
C LEU B 123 -37.32 8.74 -6.92
N PRO B 124 -38.01 9.90 -7.07
CA PRO B 124 -37.63 10.83 -8.13
C PRO B 124 -36.14 11.26 -8.05
N GLY B 125 -35.47 11.29 -9.19
CA GLY B 125 -34.04 11.68 -9.27
C GLY B 125 -32.99 10.63 -8.88
N ILE B 126 -33.45 9.49 -8.37
CA ILE B 126 -32.55 8.42 -7.90
C ILE B 126 -32.29 7.35 -8.97
N SER B 127 -31.00 7.03 -9.19
CA SER B 127 -30.62 5.98 -10.14
C SER B 127 -29.31 5.30 -9.67
N LEU B 128 -28.98 4.16 -10.32
CA LEU B 128 -27.80 3.36 -10.02
C LEU B 128 -26.92 3.26 -11.27
N LEU B 129 -25.64 3.60 -11.13
CA LEU B 129 -24.71 3.56 -12.26
C LEU B 129 -23.86 2.29 -12.16
N PRO B 130 -23.70 1.54 -13.28
CA PRO B 130 -22.87 0.34 -13.21
C PRO B 130 -21.38 0.70 -13.03
N GLU B 131 -20.68 -0.12 -12.27
CA GLU B 131 -19.26 0.09 -11.99
C GLU B 131 -18.56 -1.24 -11.67
N THR B 132 -17.27 -1.31 -11.98
CA THR B 132 -16.47 -2.48 -11.72
C THR B 132 -15.79 -2.41 -10.36
N GLU B 133 -15.87 -3.50 -9.59
CA GLU B 133 -15.19 -3.61 -8.31
C GLU B 133 -14.48 -4.96 -8.22
N ARG B 134 -13.43 -5.03 -7.40
CA ARG B 134 -12.73 -6.26 -7.15
C ARG B 134 -13.56 -6.99 -6.09
N PHE B 135 -13.78 -8.27 -6.29
CA PHE B 135 -14.61 -9.09 -5.37
C PHE B 135 -13.84 -10.29 -4.88
N TYR B 136 -13.88 -10.50 -3.56
CA TYR B 136 -13.23 -11.61 -2.89
C TYR B 136 -14.39 -12.43 -2.30
N PRO B 137 -14.81 -13.49 -3.02
CA PRO B 137 -15.97 -14.28 -2.57
C PRO B 137 -15.90 -14.81 -1.13
N ASN B 138 -14.70 -15.13 -0.65
CA ASN B 138 -14.54 -15.70 0.70
C ASN B 138 -14.37 -14.66 1.80
N GLY B 139 -14.35 -13.37 1.44
CA GLY B 139 -14.18 -12.30 2.43
C GLY B 139 -12.82 -12.39 3.11
N ASN B 140 -12.82 -12.43 4.43
CA ASN B 140 -11.58 -12.56 5.20
C ASN B 140 -11.18 -14.02 5.11
N PHE B 141 -10.20 -14.31 4.25
CA PHE B 141 -9.80 -15.68 3.91
C PHE B 141 -8.45 -15.63 3.20
N ALA B 142 -7.40 -16.20 3.82
CA ALA B 142 -6.03 -16.17 3.30
C ALA B 142 -5.67 -14.72 2.91
N SER B 143 -6.18 -13.78 3.68
CA SER B 143 -6.09 -12.35 3.37
C SER B 143 -4.68 -11.83 3.13
N HIS B 144 -3.79 -12.11 4.07
CA HIS B 144 -2.40 -11.69 3.94
C HIS B 144 -1.65 -12.39 2.82
N LEU B 145 -2.20 -13.46 2.25
CA LEU B 145 -1.53 -14.09 1.10
C LEU B 145 -2.09 -13.54 -0.22
N ILE B 146 -3.42 -13.53 -0.35
CA ILE B 146 -4.09 -13.07 -1.57
C ILE B 146 -3.86 -11.57 -1.77
N GLY B 147 -4.01 -10.82 -0.68
CA GLY B 147 -3.84 -9.37 -0.70
C GLY B 147 -5.13 -8.67 -1.08
N ARG B 148 -5.00 -7.41 -1.49
CA ARG B 148 -6.11 -6.58 -1.87
C ARG B 148 -5.71 -5.64 -2.99
N ALA B 149 -6.57 -5.49 -3.98
CA ALA B 149 -6.36 -4.50 -5.05
C ALA B 149 -7.25 -3.31 -4.76
N GLN B 150 -6.70 -2.11 -4.97
CA GLN B 150 -7.41 -0.85 -4.73
C GLN B 150 -7.81 -0.21 -6.05
N LYS B 151 -8.92 0.51 -6.04
CA LYS B 151 -9.45 1.11 -7.27
C LYS B 151 -9.27 2.62 -7.35
N ASN B 152 -8.71 3.10 -8.46
CA ASN B 152 -8.61 4.53 -8.73
C ASN B 152 -9.99 4.93 -9.29
N PRO B 153 -10.79 5.68 -8.53
CA PRO B 153 -12.15 6.03 -9.02
C PRO B 153 -12.21 6.85 -10.33
N ASP B 154 -11.12 7.52 -10.67
CA ASP B 154 -11.11 8.35 -11.86
C ASP B 154 -11.19 7.56 -13.15
N THR B 155 -10.45 6.47 -13.21
CA THR B 155 -10.36 5.65 -14.41
C THR B 155 -10.90 4.24 -14.22
N GLY B 156 -11.12 3.85 -12.96
CA GLY B 156 -11.52 2.47 -12.61
C GLY B 156 -10.33 1.51 -12.49
N GLU B 157 -9.11 2.00 -12.71
CA GLU B 157 -7.94 1.11 -12.69
C GLU B 157 -7.67 0.53 -11.32
N LEU B 158 -7.47 -0.78 -11.29
CA LEU B 158 -7.22 -1.52 -10.08
C LEU B 158 -5.74 -1.76 -9.97
N LYS B 159 -5.22 -1.66 -8.75
CA LYS B 159 -3.82 -1.91 -8.50
C LYS B 159 -3.63 -2.66 -7.19
N GLY B 160 -2.81 -3.70 -7.24
CA GLY B 160 -2.52 -4.52 -6.07
C GLY B 160 -1.70 -3.77 -5.04
N ALA B 161 -2.15 -3.85 -3.79
CA ALA B 161 -1.51 -3.15 -2.68
C ALA B 161 -0.81 -4.06 -1.69
N LEU B 162 -1.06 -5.36 -1.79
CA LEU B 162 -0.42 -6.31 -0.88
C LEU B 162 -0.61 -7.69 -1.46
N GLY B 163 0.28 -8.60 -1.08
CA GLY B 163 0.17 -10.02 -1.45
C GLY B 163 0.21 -10.30 -2.91
N VAL B 164 -0.44 -11.39 -3.29
CA VAL B 164 -0.50 -11.81 -4.68
C VAL B 164 -1.00 -10.71 -5.61
N GLU B 165 -2.04 -9.98 -5.21
CA GLU B 165 -2.56 -8.85 -5.98
C GLU B 165 -1.44 -7.87 -6.37
N LYS B 166 -0.51 -7.62 -5.45
CA LYS B 166 0.62 -6.70 -5.70
C LYS B 166 1.78 -7.39 -6.47
N ILE B 167 2.21 -8.53 -5.94
CA ILE B 167 3.33 -9.27 -6.52
C ILE B 167 3.13 -9.51 -8.00
N PHE B 168 1.92 -9.95 -8.37
CA PHE B 168 1.59 -10.26 -9.75
C PHE B 168 0.73 -9.20 -10.42
N ASP B 169 0.79 -7.96 -9.91
CA ASP B 169 -0.03 -6.90 -10.48
C ASP B 169 0.12 -6.72 -12.00
N SER B 170 1.36 -6.78 -12.49
N SER B 170 1.36 -6.75 -12.49
CA SER B 170 1.64 -6.60 -13.94
CA SER B 170 1.56 -6.57 -13.94
C SER B 170 1.07 -7.70 -14.84
C SER B 170 0.83 -7.64 -14.74
N TYR B 171 0.91 -8.89 -14.28
CA TYR B 171 0.27 -10.03 -14.99
C TYR B 171 -1.25 -9.93 -14.88
N LEU B 172 -1.72 -9.74 -13.65
CA LEU B 172 -3.15 -9.60 -13.39
C LEU B 172 -3.81 -8.44 -14.14
N SER B 173 -3.13 -7.29 -14.26
CA SER B 173 -3.74 -6.17 -14.95
C SER B 173 -3.73 -6.41 -16.44
N GLY B 174 -4.83 -6.11 -17.11
CA GLY B 174 -4.88 -6.32 -18.56
C GLY B 174 -4.22 -5.20 -19.35
N SER B 175 -3.67 -4.20 -18.66
CA SER B 175 -3.02 -3.05 -19.30
C SER B 175 -1.47 -3.04 -19.25
N LYS B 176 -0.84 -4.16 -18.90
CA LYS B 176 0.63 -4.26 -18.91
C LYS B 176 1.04 -5.56 -19.58
N LYS B 200 -7.81 -8.04 -24.46
CA LYS B 200 -6.88 -7.30 -23.61
C LYS B 200 -7.00 -7.78 -22.15
N ARG B 201 -7.61 -8.95 -21.94
CA ARG B 201 -7.84 -9.49 -20.59
C ARG B 201 -6.57 -9.83 -19.82
N GLY B 202 -6.57 -9.55 -18.51
CA GLY B 202 -5.42 -9.85 -17.66
C GLY B 202 -5.20 -11.35 -17.46
N ASP B 203 -4.01 -11.70 -16.96
CA ASP B 203 -3.63 -13.09 -16.71
C ASP B 203 -4.13 -13.58 -15.36
N ASP B 204 -4.48 -14.85 -15.26
CA ASP B 204 -4.91 -15.43 -13.99
C ASP B 204 -3.73 -15.98 -13.21
N VAL B 205 -3.84 -15.95 -11.88
CA VAL B 205 -2.85 -16.53 -10.99
C VAL B 205 -3.53 -17.66 -10.20
N HIS B 206 -2.98 -18.86 -10.31
CA HIS B 206 -3.48 -20.04 -9.62
C HIS B 206 -2.55 -20.35 -8.48
N LEU B 207 -3.09 -20.44 -7.28
CA LEU B 207 -2.32 -20.76 -6.10
C LEU B 207 -2.43 -22.23 -5.74
N THR B 208 -1.52 -22.68 -4.87
CA THR B 208 -1.52 -24.06 -4.37
C THR B 208 -2.51 -24.24 -3.21
N ILE B 209 -3.04 -23.13 -2.70
CA ILE B 209 -3.98 -23.16 -1.58
C ILE B 209 -5.20 -23.99 -1.92
N ASP B 210 -5.66 -24.75 -0.94
CA ASP B 210 -6.86 -25.55 -1.04
C ASP B 210 -7.88 -24.91 -0.13
N SER B 211 -8.93 -24.33 -0.70
CA SER B 211 -9.97 -23.62 0.10
C SER B 211 -10.56 -24.47 1.23
N ASN B 212 -10.68 -25.77 1.02
CA ASN B 212 -11.25 -26.66 2.05
C ASN B 212 -10.34 -26.73 3.28
N ILE B 213 -9.02 -26.80 3.05
CA ILE B 213 -8.05 -26.83 4.15
C ILE B 213 -7.94 -25.44 4.79
N GLN B 214 -8.00 -24.42 3.94
CA GLN B 214 -7.93 -23.02 4.40
C GLN B 214 -9.07 -22.74 5.40
N VAL B 215 -10.28 -23.27 5.14
CA VAL B 215 -11.42 -23.08 6.05
C VAL B 215 -11.06 -23.63 7.43
N PHE B 216 -10.39 -24.79 7.48
CA PHE B 216 -9.99 -25.36 8.76
C PHE B 216 -9.04 -24.41 9.50
N VAL B 217 -8.14 -23.78 8.77
CA VAL B 217 -7.16 -22.86 9.37
C VAL B 217 -7.85 -21.58 9.87
N GLU B 218 -8.72 -21.00 9.05
CA GLU B 218 -9.43 -19.77 9.45
C GLU B 218 -10.28 -20.00 10.70
N GLU B 219 -10.91 -21.16 10.81
CA GLU B 219 -11.74 -21.47 12.00
C GLU B 219 -10.90 -21.68 13.25
N ALA B 220 -9.77 -22.37 13.11
CA ALA B 220 -8.87 -22.59 14.23
C ALA B 220 -8.28 -21.29 14.76
N LEU B 221 -7.91 -20.38 13.84
CA LEU B 221 -7.31 -19.12 14.29
C LEU B 221 -8.33 -18.24 14.97
N ASP B 222 -9.56 -18.22 14.46
CA ASP B 222 -10.65 -17.48 15.10
C ASP B 222 -10.82 -17.97 16.55
N GLY B 223 -10.73 -19.29 16.74
CA GLY B 223 -10.81 -19.90 18.08
C GLY B 223 -9.71 -19.44 19.02
N MSE B 224 -8.47 -19.33 18.51
CA MSE B 224 -7.34 -18.90 19.32
C MSE B 224 -7.44 -17.44 19.69
O MSE B 224 -7.02 -17.04 20.78
CB MSE B 224 -5.99 -19.07 18.62
CG MSE B 224 -5.69 -20.48 18.11
SE MSE B 224 -5.65 -21.77 19.58
CE MSE B 224 -3.72 -21.72 19.90
N VAL B 225 -7.95 -16.62 18.77
CA VAL B 225 -8.14 -15.20 19.08
C VAL B 225 -9.14 -15.04 20.22
N GLU B 226 -10.27 -15.74 20.11
CA GLU B 226 -11.29 -15.67 21.16
C GLU B 226 -10.76 -16.13 22.53
N ARG B 227 -9.96 -17.19 22.53
CA ARG B 227 -9.43 -17.76 23.76
C ARG B 227 -8.24 -17.02 24.37
N TYR B 228 -7.30 -16.59 23.53
CA TYR B 228 -6.06 -16.00 24.03
C TYR B 228 -5.75 -14.55 23.63
N GLN B 229 -6.50 -13.97 22.70
CA GLN B 229 -6.23 -12.60 22.22
C GLN B 229 -4.74 -12.32 22.08
N PRO B 230 -4.05 -13.12 21.25
CA PRO B 230 -2.62 -12.91 21.12
C PRO B 230 -2.30 -11.71 20.24
N LYS B 231 -1.09 -11.18 20.41
CA LYS B 231 -0.59 -10.06 19.62
C LYS B 231 -0.37 -10.45 18.17
N ASP B 232 0.05 -11.70 17.97
CA ASP B 232 0.31 -12.24 16.63
C ASP B 232 0.02 -13.72 16.68
N LEU B 233 -0.33 -14.26 15.52
CA LEU B 233 -0.75 -15.65 15.40
C LEU B 233 -0.71 -16.06 13.94
N PHE B 234 -0.17 -17.25 13.65
CA PHE B 234 -0.17 -17.80 12.28
C PHE B 234 -0.28 -19.33 12.28
N ALA B 235 -0.69 -19.86 11.13
CA ALA B 235 -0.72 -21.30 10.93
C ALA B 235 -0.52 -21.52 9.46
N VAL B 236 0.26 -22.55 9.13
CA VAL B 236 0.53 -22.89 7.76
C VAL B 236 0.50 -24.42 7.62
N VAL B 237 -0.08 -24.90 6.52
CA VAL B 237 -0.17 -26.33 6.22
C VAL B 237 0.58 -26.52 4.92
N MSE B 238 1.57 -27.40 4.92
CA MSE B 238 2.37 -27.68 3.72
C MSE B 238 2.38 -29.14 3.37
O MSE B 238 2.44 -29.98 4.27
CB MSE B 238 3.81 -27.24 3.98
CG MSE B 238 4.65 -27.32 2.70
SE MSE B 238 6.47 -26.65 3.00
CE MSE B 238 7.13 -28.04 4.20
N ASP B 239 2.31 -29.45 2.08
CA ASP B 239 2.42 -30.83 1.60
C ASP B 239 3.83 -31.28 1.93
N ALA B 240 3.93 -32.31 2.76
CA ALA B 240 5.22 -32.79 3.26
C ALA B 240 6.16 -33.33 2.20
N LYS B 241 5.62 -33.71 1.04
CA LYS B 241 6.41 -34.30 -0.03
C LYS B 241 6.63 -33.42 -1.26
N THR B 242 5.90 -32.31 -1.39
CA THR B 242 6.07 -31.41 -2.55
C THR B 242 6.52 -29.99 -2.18
N GLY B 243 6.22 -29.59 -0.94
CA GLY B 243 6.50 -28.24 -0.46
C GLY B 243 5.41 -27.22 -0.79
N GLU B 244 4.30 -27.68 -1.36
CA GLU B 244 3.17 -26.81 -1.70
C GLU B 244 2.46 -26.32 -0.46
N ILE B 245 2.22 -25.01 -0.39
CA ILE B 245 1.47 -24.43 0.72
C ILE B 245 -0.02 -24.66 0.46
N LEU B 246 -0.64 -25.53 1.27
CA LEU B 246 -2.05 -25.86 1.12
C LEU B 246 -2.98 -24.90 1.85
N ALA B 247 -2.49 -24.25 2.89
CA ALA B 247 -3.28 -23.27 3.64
C ALA B 247 -2.37 -22.39 4.42
N TYR B 248 -2.78 -21.14 4.59
CA TYR B 248 -1.99 -20.16 5.32
C TYR B 248 -2.87 -19.01 5.79
N SER B 249 -2.76 -18.66 7.06
CA SER B 249 -3.47 -17.51 7.60
C SER B 249 -2.74 -16.95 8.82
N GLN B 250 -3.08 -15.72 9.17
CA GLN B 250 -2.54 -15.06 10.36
C GLN B 250 -3.59 -14.16 11.02
N ARG B 251 -3.33 -13.80 12.28
CA ARG B 251 -4.16 -12.87 13.03
C ARG B 251 -3.21 -11.95 13.80
N PRO B 252 -3.50 -10.64 13.90
CA PRO B 252 -4.64 -10.00 13.26
C PRO B 252 -4.42 -9.87 11.76
N THR B 253 -5.51 -9.69 11.01
CA THR B 253 -5.42 -9.58 9.58
C THR B 253 -6.51 -8.63 9.11
N PHE B 254 -6.87 -8.69 7.83
CA PHE B 254 -7.86 -7.77 7.26
C PHE B 254 -8.78 -8.48 6.31
N ASN B 255 -9.82 -7.77 5.90
CA ASN B 255 -10.79 -8.30 4.98
C ASN B 255 -10.51 -7.65 3.63
N PRO B 256 -10.06 -8.44 2.65
CA PRO B 256 -9.74 -7.86 1.34
C PRO B 256 -10.94 -7.26 0.61
N GLU B 257 -12.14 -7.76 0.91
CA GLU B 257 -13.34 -7.27 0.24
C GLU B 257 -13.69 -5.86 0.64
N THR B 258 -13.73 -5.61 1.94
CA THR B 258 -14.13 -4.32 2.49
C THR B 258 -12.96 -3.39 2.81
N GLY B 259 -11.77 -3.95 2.97
CA GLY B 259 -10.62 -3.17 3.35
C GLY B 259 -10.55 -2.93 4.85
N LYS B 260 -11.46 -3.54 5.63
CA LYS B 260 -11.44 -3.38 7.07
C LYS B 260 -10.11 -3.87 7.64
N ASP B 261 -9.45 -3.00 8.41
CA ASP B 261 -8.14 -3.24 9.05
C ASP B 261 -6.95 -3.32 8.10
N PHE B 262 -7.16 -3.02 6.83
CA PHE B 262 -6.08 -3.06 5.85
C PHE B 262 -5.15 -1.92 6.16
N GLY B 263 -3.86 -2.23 6.34
CA GLY B 263 -2.88 -1.24 6.71
C GLY B 263 -2.41 -1.34 8.13
N LYS B 264 -3.17 -2.04 8.99
CA LYS B 264 -2.78 -2.19 10.41
C LYS B 264 -1.53 -3.02 10.59
N LYS B 265 -1.33 -4.01 9.73
CA LYS B 265 -0.11 -4.78 9.77
C LYS B 265 0.26 -5.16 8.36
N TRP B 266 1.24 -4.48 7.80
CA TRP B 266 1.64 -4.76 6.41
C TRP B 266 2.28 -6.15 6.24
N ALA B 267 2.91 -6.63 7.30
CA ALA B 267 3.73 -7.84 7.24
C ALA B 267 3.01 -9.18 7.21
N ASN B 268 3.34 -9.96 6.19
CA ASN B 268 2.89 -11.34 6.03
C ASN B 268 3.78 -12.14 6.97
N ASP B 269 3.17 -12.87 7.91
CA ASP B 269 3.94 -13.63 8.89
C ASP B 269 4.81 -14.75 8.30
N LEU B 270 4.37 -15.37 7.21
CA LEU B 270 5.13 -16.49 6.63
C LEU B 270 6.47 -16.09 6.00
N TYR B 271 6.47 -14.94 5.33
CA TYR B 271 7.61 -14.49 4.55
C TYR B 271 8.34 -13.23 5.02
N GLN B 272 7.62 -12.34 5.71
CA GLN B 272 8.16 -11.04 6.07
C GLN B 272 8.43 -10.79 7.54
N ASN B 273 7.65 -11.41 8.41
CA ASN B 273 7.81 -11.22 9.85
C ASN B 273 8.85 -12.23 10.30
N THR B 274 9.64 -11.88 11.31
CA THR B 274 10.65 -12.78 11.85
C THR B 274 10.41 -13.03 13.32
N TYR B 275 10.89 -14.18 13.79
CA TYR B 275 10.68 -14.63 15.15
C TYR B 275 11.92 -15.29 15.70
N GLU B 276 12.08 -15.23 17.03
CA GLU B 276 13.07 -16.06 17.70
C GLU B 276 12.19 -17.33 17.91
N PRO B 277 12.44 -18.40 17.15
CA PRO B 277 11.57 -19.58 17.09
C PRO B 277 11.40 -20.43 18.34
N GLY B 278 12.40 -20.43 19.21
CA GLY B 278 12.33 -21.25 20.40
C GLY B 278 12.77 -22.65 20.06
N SER B 279 12.38 -23.59 20.91
CA SER B 279 12.82 -24.98 20.83
C SER B 279 12.44 -25.81 19.61
N THR B 280 11.58 -25.30 18.74
CA THR B 280 11.35 -25.97 17.45
C THR B 280 12.68 -25.99 16.68
N PHE B 281 13.54 -25.02 17.02
CA PHE B 281 14.87 -24.87 16.38
C PHE B 281 15.85 -25.95 16.83
N LYS B 282 15.56 -26.59 17.97
CA LYS B 282 16.41 -27.66 18.50
C LYS B 282 16.62 -28.79 17.52
N SER B 283 15.59 -29.09 16.70
CA SER B 283 15.68 -30.18 15.72
C SER B 283 16.88 -30.11 14.75
N TYR B 284 17.30 -28.89 14.39
CA TYR B 284 18.40 -28.71 13.43
C TYR B 284 19.76 -28.91 14.14
N GLY B 285 19.83 -28.51 15.42
CA GLY B 285 21.04 -28.75 16.22
C GLY B 285 21.18 -30.24 16.49
N LEU B 286 20.04 -30.90 16.68
CA LEU B 286 20.01 -32.35 16.89
C LEU B 286 20.51 -33.05 15.62
N ALA B 287 19.98 -32.65 14.47
CA ALA B 287 20.35 -33.24 13.19
C ALA B 287 21.84 -33.08 12.95
N ALA B 288 22.36 -31.88 13.22
CA ALA B 288 23.78 -31.61 13.10
C ALA B 288 24.53 -32.53 14.06
N ALA B 289 24.11 -32.57 15.32
CA ALA B 289 24.75 -33.43 16.33
C ALA B 289 24.76 -34.90 15.92
N ILE B 290 23.67 -35.39 15.34
CA ILE B 290 23.58 -36.79 14.88
C ILE B 290 24.59 -37.09 13.77
N GLN B 291 24.62 -36.25 12.76
CA GLN B 291 25.51 -36.47 11.62
C GLN B 291 27.00 -36.33 11.98
N GLU B 292 27.31 -35.54 13.00
CA GLU B 292 28.70 -35.35 13.44
C GLU B 292 29.18 -36.46 14.38
N GLY B 293 28.24 -37.26 14.89
CA GLY B 293 28.56 -38.34 15.82
C GLY B 293 28.46 -37.92 17.28
N ALA B 294 28.04 -36.68 17.54
CA ALA B 294 27.95 -36.14 18.91
C ALA B 294 26.70 -36.61 19.68
N PHE B 295 25.63 -36.95 18.95
CA PHE B 295 24.40 -37.44 19.58
C PHE B 295 24.35 -38.95 19.55
N ASP B 296 24.40 -39.55 20.74
CA ASP B 296 24.26 -40.98 20.94
C ASP B 296 23.03 -41.03 21.85
N PRO B 297 21.92 -41.61 21.36
CA PRO B 297 20.68 -41.62 22.16
C PRO B 297 20.82 -42.34 23.51
N ASP B 298 21.67 -43.36 23.56
CA ASP B 298 21.89 -44.13 24.79
C ASP B 298 22.84 -43.41 25.76
N LYS B 299 23.83 -42.67 25.23
CA LYS B 299 24.83 -41.96 26.05
C LYS B 299 24.21 -40.99 27.06
N LYS B 300 24.80 -40.94 28.25
CA LYS B 300 24.35 -40.07 29.33
C LYS B 300 25.01 -38.69 29.23
N TYR B 301 24.31 -37.67 29.74
CA TYR B 301 24.85 -36.31 29.80
C TYR B 301 24.33 -35.69 31.10
N LYS B 302 25.08 -34.77 31.68
CA LYS B 302 24.65 -34.12 32.92
C LYS B 302 23.84 -32.84 32.67
N SER B 303 22.58 -32.90 33.09
CA SER B 303 21.61 -31.80 32.92
C SER B 303 21.68 -30.82 34.09
N GLY B 304 20.71 -29.91 34.14
CA GLY B 304 20.61 -28.90 35.21
C GLY B 304 20.72 -27.50 34.67
N HIS B 305 21.94 -26.97 34.62
CA HIS B 305 22.18 -25.62 34.16
C HIS B 305 23.62 -25.40 33.74
N ARG B 306 23.87 -24.27 33.09
CA ARG B 306 25.20 -23.87 32.66
C ARG B 306 25.36 -22.36 32.71
N ASP B 307 26.46 -21.92 33.32
CA ASP B 307 26.76 -20.51 33.44
C ASP B 307 27.56 -20.09 32.22
N ILE B 308 26.92 -19.35 31.32
CA ILE B 308 27.54 -18.89 30.08
C ILE B 308 27.80 -17.39 30.16
N MSE B 309 29.07 -17.01 30.10
CA MSE B 309 29.45 -15.59 30.07
C MSE B 309 28.75 -14.71 31.08
O MSE B 309 28.39 -13.56 30.76
CB MSE B 309 29.14 -15.16 28.63
CG MSE B 309 30.10 -14.11 28.09
SE MSE B 309 29.66 -13.83 26.19
CE MSE B 309 28.73 -12.11 26.39
N GLY B 310 28.56 -15.21 32.29
CA GLY B 310 27.90 -14.46 33.37
C GLY B 310 26.46 -14.86 33.62
N SER B 311 25.70 -15.10 32.56
CA SER B 311 24.30 -15.50 32.68
C SER B 311 24.17 -16.99 33.01
N ARG B 312 23.18 -17.32 33.84
CA ARG B 312 22.90 -18.71 34.19
C ARG B 312 21.79 -19.19 33.25
N ILE B 313 22.08 -20.18 32.43
CA ILE B 313 21.12 -20.75 31.47
C ILE B 313 20.79 -22.18 31.92
N SER B 314 19.52 -22.43 32.22
CA SER B 314 19.09 -23.73 32.71
C SER B 314 17.94 -24.32 31.93
N ASP B 315 17.56 -25.56 32.27
CA ASP B 315 16.43 -26.23 31.63
C ASP B 315 15.13 -25.61 32.13
N TRP B 316 14.07 -25.74 31.33
CA TRP B 316 12.77 -25.13 31.62
C TRP B 316 12.24 -25.36 33.05
N ASN B 317 12.56 -26.50 33.64
CA ASN B 317 12.12 -26.83 35.01
C ASN B 317 13.08 -26.36 36.11
N ARG B 318 14.06 -25.52 35.74
CA ARG B 318 15.05 -24.95 36.68
C ARG B 318 16.08 -25.96 37.26
N VAL B 319 15.61 -26.97 37.96
CA VAL B 319 16.52 -27.94 38.61
C VAL B 319 17.13 -28.98 37.65
N GLY B 320 16.43 -29.29 36.57
CA GLY B 320 16.90 -30.30 35.62
C GLY B 320 16.52 -31.69 36.12
N TRP B 321 17.24 -32.71 35.64
CA TRP B 321 16.96 -34.11 36.00
C TRP B 321 18.24 -34.83 36.41
N GLY B 322 19.32 -34.08 36.61
CA GLY B 322 20.60 -34.68 36.95
C GLY B 322 21.21 -35.34 35.72
N GLU B 323 21.94 -36.42 35.95
CA GLU B 323 22.62 -37.16 34.89
C GLU B 323 21.60 -38.08 34.19
N ILE B 324 21.30 -37.82 32.91
CA ILE B 324 20.31 -38.60 32.15
C ILE B 324 20.71 -38.87 30.68
N PRO B 325 20.05 -39.86 30.03
CA PRO B 325 20.33 -40.12 28.60
C PRO B 325 19.94 -38.96 27.67
N MSE B 326 20.65 -38.82 26.55
CA MSE B 326 20.49 -37.76 25.53
C MSE B 326 19.15 -37.81 24.87
O MSE B 326 18.52 -36.77 24.70
CB MSE B 326 21.57 -37.86 24.46
CG MSE B 326 22.89 -37.34 25.01
SE MSE B 326 24.21 -37.20 23.56
CE MSE B 326 25.55 -36.11 24.51
N SER B 327 18.73 -39.01 24.48
CA SER B 327 17.44 -39.24 23.84
C SER B 327 16.31 -38.72 24.74
N LEU B 328 16.40 -39.03 26.03
CA LEU B 328 15.41 -38.55 27.00
C LEU B 328 15.50 -37.03 27.14
N GLY B 329 16.72 -36.49 27.10
CA GLY B 329 16.94 -35.06 27.19
C GLY B 329 16.26 -34.27 26.07
N PHE B 330 16.21 -34.85 24.88
CA PHE B 330 15.56 -34.19 23.75
C PHE B 330 14.04 -34.27 23.91
N THR B 331 13.56 -35.38 24.48
CA THR B 331 12.13 -35.54 24.74
C THR B 331 11.68 -34.46 25.73
N TYR B 332 12.54 -34.14 26.69
CA TYR B 332 12.25 -33.09 27.68
C TYR B 332 12.56 -31.67 27.19
N SER B 333 13.02 -31.53 25.94
CA SER B 333 13.40 -30.24 25.37
C SER B 333 14.42 -29.56 26.27
N SER B 334 15.48 -30.29 26.57
CA SER B 334 16.53 -29.80 27.45
C SER B 334 17.49 -28.81 26.78
N ASN B 335 17.61 -27.62 27.38
CA ASN B 335 18.55 -26.62 26.89
C ASN B 335 19.99 -27.02 27.17
N THR B 336 20.24 -27.75 28.26
CA THR B 336 21.60 -28.19 28.60
C THR B 336 22.14 -29.21 27.59
N LEU B 337 21.27 -30.08 27.10
CA LEU B 337 21.64 -31.05 26.06
C LEU B 337 22.16 -30.34 24.82
N MSE B 338 21.39 -29.37 24.33
CA MSE B 338 21.73 -28.62 23.12
C MSE B 338 23.01 -27.83 23.29
O MSE B 338 23.83 -27.80 22.38
CB MSE B 338 20.63 -27.68 22.67
CG MSE B 338 19.25 -28.32 22.54
SE MSE B 338 19.27 -30.01 21.54
CE MSE B 338 20.11 -29.36 19.89
N MSE B 339 23.19 -27.20 24.46
CA MSE B 339 24.41 -26.43 24.75
C MSE B 339 25.59 -27.37 24.80
O MSE B 339 26.67 -27.03 24.34
CB MSE B 339 24.32 -25.62 26.05
CG MSE B 339 23.44 -24.40 25.85
SE MSE B 339 23.32 -23.27 27.47
CE MSE B 339 22.50 -24.56 28.71
N HIS B 340 25.38 -28.57 25.36
CA HIS B 340 26.44 -29.58 25.44
C HIS B 340 26.79 -30.12 24.05
N LEU B 341 25.77 -30.39 23.23
CA LEU B 341 26.01 -30.84 21.85
C LEU B 341 26.74 -29.77 21.05
N GLN B 342 26.38 -28.50 21.26
CA GLN B 342 27.08 -27.40 20.57
C GLN B 342 28.58 -27.49 20.88
N ASP B 343 28.93 -27.68 22.15
CA ASP B 343 30.34 -27.81 22.55
C ASP B 343 31.04 -28.98 21.88
N LEU B 344 30.38 -30.13 21.82
CA LEU B 344 30.96 -31.33 21.21
C LEU B 344 31.20 -31.16 19.73
N VAL B 345 30.27 -30.47 19.07
CA VAL B 345 30.37 -30.23 17.63
C VAL B 345 31.34 -29.10 17.36
N GLY B 346 31.28 -28.06 18.19
CA GLY B 346 32.14 -26.86 18.05
C GLY B 346 31.35 -25.71 17.44
N ALA B 347 31.61 -24.50 17.95
CA ALA B 347 30.89 -23.29 17.53
C ALA B 347 30.95 -22.96 16.02
N ASP B 348 32.14 -23.11 15.42
CA ASP B 348 32.33 -22.81 13.98
C ASP B 348 31.50 -23.74 13.10
N LYS B 349 31.52 -25.03 13.43
CA LYS B 349 30.75 -26.01 12.67
C LYS B 349 29.25 -25.80 12.81
N MSE B 350 28.79 -25.47 14.02
CA MSE B 350 27.34 -25.28 14.23
C MSE B 350 26.81 -24.11 13.43
O MSE B 350 25.71 -24.21 12.87
CB MSE B 350 26.99 -25.11 15.71
CG MSE B 350 26.97 -26.44 16.48
SE MSE B 350 25.95 -27.84 15.53
CE MSE B 350 24.33 -26.81 15.15
N LYS B 351 27.55 -23.01 13.35
CA LYS B 351 27.10 -21.86 12.56
C LYS B 351 26.90 -22.27 11.11
N SER B 352 27.88 -22.99 10.60
CA SER B 352 27.88 -23.53 9.25
C SER B 352 26.70 -24.50 9.07
N TRP B 353 26.46 -25.32 10.10
CA TRP B 353 25.31 -26.22 10.05
C TRP B 353 23.99 -25.44 9.88
N TYR B 354 23.80 -24.37 10.66
CA TYR B 354 22.57 -23.58 10.56
C TYR B 354 22.46 -22.91 9.18
N GLU B 355 23.61 -22.54 8.62
CA GLU B 355 23.66 -21.95 7.27
C GLU B 355 23.25 -22.98 6.21
N ARG B 356 23.68 -24.23 6.36
CA ARG B 356 23.31 -25.27 5.40
C ARG B 356 21.82 -25.64 5.51
N PHE B 357 21.20 -25.40 6.66
CA PHE B 357 19.75 -25.58 6.83
C PHE B 357 18.94 -24.38 6.30
N GLY B 358 19.62 -23.42 5.65
CA GLY B 358 18.95 -22.28 5.03
C GLY B 358 18.68 -21.07 5.89
N PHE B 359 19.10 -21.09 7.15
CA PHE B 359 18.87 -19.97 8.04
C PHE B 359 19.82 -18.81 7.74
N GLY B 360 19.33 -17.60 7.98
CA GLY B 360 20.08 -16.39 7.68
C GLY B 360 19.94 -15.89 6.26
N LYS B 361 19.22 -16.64 5.42
N LYS B 361 19.23 -16.63 5.41
CA LYS B 361 19.05 -16.27 4.02
CA LYS B 361 19.04 -16.18 4.05
C LYS B 361 17.64 -16.53 3.52
C LYS B 361 17.65 -16.51 3.52
N SER B 362 17.19 -15.66 2.61
CA SER B 362 15.87 -15.82 2.01
C SER B 362 15.76 -17.17 1.31
N THR B 363 14.57 -17.75 1.34
CA THR B 363 14.29 -18.99 0.63
C THR B 363 14.10 -18.72 -0.86
N LYS B 364 13.97 -17.45 -1.23
CA LYS B 364 13.83 -17.03 -2.64
C LYS B 364 12.47 -17.37 -3.22
N GLY B 365 11.44 -17.24 -2.40
CA GLY B 365 10.06 -17.46 -2.83
C GLY B 365 9.62 -16.25 -3.63
N MSE B 366 8.39 -16.27 -4.10
CA MSE B 366 7.85 -15.22 -4.94
C MSE B 366 7.16 -14.13 -4.16
O MSE B 366 6.66 -13.18 -4.74
CB MSE B 366 6.93 -15.85 -5.98
CG MSE B 366 7.72 -16.87 -6.78
SE MSE B 366 6.60 -17.57 -8.23
CE MSE B 366 7.38 -16.36 -9.57
N PHE B 367 7.18 -14.21 -2.83
CA PHE B 367 6.59 -13.17 -2.01
C PHE B 367 7.56 -11.97 -1.98
N ASP B 368 7.00 -10.76 -2.01
CA ASP B 368 7.86 -9.54 -2.00
C ASP B 368 8.50 -9.30 -0.64
N GLY B 369 9.71 -8.77 -0.65
CA GLY B 369 10.43 -8.39 0.58
C GLY B 369 10.60 -9.49 1.62
N GLU B 370 10.93 -10.69 1.16
CA GLU B 370 11.14 -11.82 2.07
C GLU B 370 12.32 -11.52 3.01
N ALA B 371 12.11 -11.73 4.31
CA ALA B 371 13.13 -11.48 5.30
C ALA B 371 14.14 -12.60 5.36
N PRO B 372 15.42 -12.26 5.57
CA PRO B 372 16.44 -13.31 5.68
C PRO B 372 16.63 -13.82 7.09
N GLY B 373 16.15 -13.08 8.09
CA GLY B 373 16.42 -13.44 9.47
C GLY B 373 17.93 -13.32 9.67
N GLN B 374 18.42 -13.87 10.76
CA GLN B 374 19.86 -13.86 11.05
C GLN B 374 20.23 -14.86 12.10
N ILE B 375 21.44 -15.39 12.00
CA ILE B 375 21.94 -16.34 12.96
C ILE B 375 22.69 -15.51 14.01
N GLY B 376 22.25 -15.60 15.27
CA GLY B 376 22.89 -14.87 16.37
C GLY B 376 24.11 -15.65 16.81
N TRP B 377 25.30 -15.15 16.47
CA TRP B 377 26.53 -15.88 16.74
C TRP B 377 27.72 -14.97 17.13
N SER B 378 27.42 -13.74 17.54
CA SER B 378 28.47 -12.75 17.90
C SER B 378 29.34 -13.10 19.11
N ASN B 379 28.77 -13.77 20.10
CA ASN B 379 29.49 -14.16 21.30
C ASN B 379 28.93 -15.49 21.80
N GLU B 380 29.56 -16.09 22.81
CA GLU B 380 29.12 -17.40 23.31
C GLU B 380 27.66 -17.40 23.77
N LEU B 381 27.22 -16.34 24.43
CA LEU B 381 25.83 -16.27 24.92
C LEU B 381 24.83 -16.39 23.76
N GLN B 382 25.06 -15.61 22.69
CA GLN B 382 24.19 -15.69 21.50
C GLN B 382 24.28 -17.07 20.87
N GLN B 383 25.49 -17.61 20.79
CA GLN B 383 25.71 -18.93 20.24
C GLN B 383 24.94 -20.02 20.99
N LYS B 384 25.05 -20.00 22.32
CA LYS B 384 24.39 -20.98 23.18
C LYS B 384 22.89 -20.85 23.20
N THR B 385 22.39 -19.61 23.23
CA THR B 385 20.95 -19.39 23.23
C THR B 385 20.34 -19.74 21.87
N SER B 386 21.16 -19.69 20.81
CA SER B 386 20.72 -20.07 19.46
C SER B 386 20.50 -21.57 19.39
N SER B 387 21.22 -22.33 20.23
CA SER B 387 21.04 -23.78 20.25
C SER B 387 19.58 -24.11 20.58
N PHE B 388 18.91 -23.24 21.35
CA PHE B 388 17.48 -23.43 21.65
C PHE B 388 16.55 -22.36 21.07
N GLY B 389 16.95 -21.77 19.94
CA GLY B 389 16.11 -20.83 19.21
C GLY B 389 15.87 -19.43 19.74
N GLN B 390 16.81 -18.89 20.51
CA GLN B 390 16.74 -17.49 20.95
C GLN B 390 17.93 -16.81 20.23
N SER B 391 17.96 -15.48 20.23
CA SER B 391 19.00 -14.69 19.53
C SER B 391 18.84 -14.76 18.01
N THR B 392 18.92 -15.96 17.47
CA THR B 392 18.69 -16.22 16.06
C THR B 392 17.22 -15.92 15.75
N THR B 393 16.98 -15.28 14.60
CA THR B 393 15.65 -14.99 14.13
C THR B 393 15.44 -15.71 12.79
N VAL B 394 14.21 -16.14 12.56
CA VAL B 394 13.87 -16.87 11.34
C VAL B 394 12.49 -16.46 10.87
N THR B 395 12.16 -16.83 9.64
CA THR B 395 10.82 -16.69 9.13
C THR B 395 10.20 -18.08 9.23
N PRO B 396 8.86 -18.15 9.27
CA PRO B 396 8.23 -19.47 9.25
C PRO B 396 8.51 -20.27 7.99
N VAL B 397 8.70 -19.59 6.85
CA VAL B 397 8.99 -20.31 5.59
C VAL B 397 10.34 -21.03 5.67
N GLN B 398 11.33 -20.39 6.29
CA GLN B 398 12.62 -21.03 6.55
C GLN B 398 12.42 -22.26 7.43
N MSE B 399 11.58 -22.13 8.45
CA MSE B 399 11.33 -23.27 9.37
C MSE B 399 10.75 -24.45 8.61
O MSE B 399 11.18 -25.59 8.80
CB MSE B 399 10.44 -22.86 10.55
CG MSE B 399 11.05 -21.83 11.49
SE MSE B 399 12.56 -22.56 12.50
CE MSE B 399 11.65 -23.95 13.54
N LEU B 400 9.77 -24.20 7.74
CA LEU B 400 9.13 -25.25 6.92
C LEU B 400 10.14 -25.90 5.99
N GLN B 401 10.93 -25.06 5.34
CA GLN B 401 11.97 -25.55 4.45
C GLN B 401 12.97 -26.48 5.18
N ALA B 402 13.44 -26.05 6.35
CA ALA B 402 14.40 -26.85 7.13
C ALA B 402 13.79 -28.18 7.58
N GLN B 403 12.56 -28.11 8.10
CA GLN B 403 11.88 -29.27 8.61
C GLN B 403 11.57 -30.33 7.54
N SER B 404 11.34 -29.89 6.31
CA SER B 404 11.01 -30.82 5.22
C SER B 404 12.11 -31.82 4.94
N ALA B 405 13.34 -31.49 5.31
CA ALA B 405 14.48 -32.41 5.12
C ALA B 405 14.31 -33.75 5.84
N PHE B 406 13.65 -33.74 6.99
CA PHE B 406 13.50 -34.98 7.76
C PHE B 406 12.58 -36.01 7.12
N PHE B 407 11.77 -35.57 6.17
CA PHE B 407 10.77 -36.44 5.52
C PHE B 407 10.99 -36.62 4.03
N ASN B 408 12.14 -36.18 3.54
CA ASN B 408 12.48 -36.26 2.12
C ASN B 408 13.95 -36.70 1.93
N ASP B 409 14.37 -37.67 2.74
CA ASP B 409 15.73 -38.28 2.69
C ASP B 409 16.89 -37.29 2.88
N GLY B 410 16.62 -36.21 3.61
CA GLY B 410 17.59 -35.16 3.88
C GLY B 410 17.49 -33.94 2.98
N ASN B 411 16.66 -34.02 1.93
CA ASN B 411 16.47 -32.92 0.98
C ASN B 411 15.45 -31.92 1.49
N MSE B 412 15.82 -30.65 1.53
CA MSE B 412 14.90 -29.57 1.91
C MSE B 412 14.13 -29.25 0.69
O MSE B 412 14.70 -29.20 -0.40
CB MSE B 412 15.61 -28.28 2.33
CG MSE B 412 16.33 -28.46 3.65
SE MSE B 412 17.05 -26.76 4.32
CE MSE B 412 18.24 -26.32 2.79
N LEU B 413 12.83 -29.06 0.85
CA LEU B 413 12.00 -28.68 -0.26
C LEU B 413 11.72 -27.20 -0.18
N LYS B 414 11.88 -26.50 -1.30
CA LYS B 414 11.58 -25.08 -1.33
C LYS B 414 10.08 -24.91 -1.31
N PRO B 415 9.54 -24.26 -0.26
CA PRO B 415 8.11 -24.10 -0.22
C PRO B 415 7.61 -23.19 -1.33
N TRP B 416 6.44 -23.52 -1.86
CA TRP B 416 5.86 -22.74 -2.93
C TRP B 416 4.38 -22.59 -2.80
N PHE B 417 3.85 -21.47 -3.28
CA PHE B 417 2.42 -21.21 -3.19
C PHE B 417 1.77 -20.82 -4.52
N VAL B 418 2.58 -20.53 -5.54
CA VAL B 418 2.06 -20.16 -6.85
C VAL B 418 2.14 -21.35 -7.80
N ASN B 419 0.99 -21.80 -8.25
CA ASN B 419 0.96 -22.95 -9.14
C ASN B 419 1.15 -22.59 -10.60
N SER B 420 0.53 -21.50 -11.04
CA SER B 420 0.69 -21.05 -12.42
C SER B 420 0.24 -19.59 -12.61
N VAL B 421 0.77 -19.01 -13.67
CA VAL B 421 0.36 -17.69 -14.13
C VAL B 421 0.08 -17.95 -15.59
N GLU B 422 -1.16 -17.71 -16.01
CA GLU B 422 -1.55 -18.01 -17.38
C GLU B 422 -2.69 -17.17 -17.84
N ASN B 423 -2.72 -16.87 -19.13
CA ASN B 423 -3.81 -16.07 -19.68
C ASN B 423 -4.90 -17.05 -20.13
N PRO B 424 -6.16 -16.83 -19.70
CA PRO B 424 -7.22 -17.75 -20.11
C PRO B 424 -7.69 -17.59 -21.56
N VAL B 425 -7.36 -16.47 -22.21
CA VAL B 425 -7.78 -16.26 -23.60
C VAL B 425 -6.76 -16.87 -24.58
N SER B 426 -5.50 -16.48 -24.47
CA SER B 426 -4.45 -17.01 -25.34
C SER B 426 -3.97 -18.41 -24.91
N LYS B 427 -4.16 -18.75 -23.64
CA LYS B 427 -3.70 -20.01 -23.03
C LYS B 427 -2.18 -20.05 -22.77
N ARG B 428 -1.52 -18.92 -22.97
CA ARG B 428 -0.08 -18.82 -22.70
C ARG B 428 0.15 -18.99 -21.20
N GLN B 429 1.08 -19.87 -20.84
CA GLN B 429 1.45 -20.10 -19.45
C GLN B 429 2.77 -19.37 -19.24
N PHE B 430 2.74 -18.35 -18.40
CA PHE B 430 3.93 -17.54 -18.11
C PHE B 430 4.81 -18.15 -17.06
N TYR B 431 4.21 -18.95 -16.18
CA TYR B 431 4.94 -19.57 -15.11
C TYR B 431 4.19 -20.79 -14.61
N LYS B 432 4.93 -21.78 -14.18
CA LYS B 432 4.36 -22.99 -13.63
C LYS B 432 5.25 -23.40 -12.47
N GLY B 433 4.65 -23.48 -11.29
CA GLY B 433 5.36 -23.85 -10.09
C GLY B 433 5.66 -25.33 -10.06
N GLN B 434 6.64 -25.72 -9.26
CA GLN B 434 7.05 -27.12 -9.15
C GLN B 434 7.88 -27.36 -7.91
N LYS B 435 7.96 -28.62 -7.53
CA LYS B 435 8.79 -29.08 -6.43
C LYS B 435 10.26 -28.82 -6.79
N GLN B 436 11.03 -28.29 -5.84
CA GLN B 436 12.45 -28.00 -6.04
C GLN B 436 13.19 -28.19 -4.75
N ILE B 437 14.33 -28.84 -4.85
CA ILE B 437 15.17 -29.11 -3.70
C ILE B 437 15.99 -27.85 -3.40
N ALA B 438 15.91 -27.38 -2.15
CA ALA B 438 16.61 -26.19 -1.71
C ALA B 438 18.01 -26.50 -1.19
N GLY B 439 18.29 -27.78 -0.99
CA GLY B 439 19.57 -28.21 -0.46
C GLY B 439 19.38 -29.52 0.28
N LYS B 440 20.47 -30.25 0.46
CA LYS B 440 20.46 -31.53 1.18
C LYS B 440 21.45 -31.41 2.33
N PRO B 441 21.02 -30.79 3.44
CA PRO B 441 21.99 -30.61 4.51
C PRO B 441 22.36 -31.90 5.25
N ILE B 442 21.47 -32.91 5.23
CA ILE B 442 21.74 -34.16 5.95
C ILE B 442 21.53 -35.40 5.09
N THR B 443 21.99 -36.53 5.61
CA THR B 443 21.84 -37.81 4.97
C THR B 443 20.51 -38.46 5.33
N LYS B 444 20.09 -39.43 4.52
CA LYS B 444 18.88 -40.23 4.76
C LYS B 444 18.90 -40.84 6.17
N ASP B 445 20.07 -41.31 6.60
CA ASP B 445 20.25 -41.91 7.93
C ASP B 445 20.03 -40.89 9.06
N THR B 446 20.61 -39.69 8.92
CA THR B 446 20.45 -38.65 9.93
C THR B 446 19.00 -38.19 10.05
N ALA B 447 18.30 -38.09 8.90
CA ALA B 447 16.90 -37.67 8.87
C ALA B 447 16.00 -38.66 9.63
N GLU B 448 16.33 -39.93 9.51
CA GLU B 448 15.59 -41.00 10.18
C GLU B 448 15.79 -40.95 11.69
N LYS B 449 17.03 -40.71 12.14
CA LYS B 449 17.30 -40.58 13.58
C LYS B 449 16.57 -39.39 14.19
N VAL B 450 16.51 -38.29 13.44
CA VAL B 450 15.80 -37.11 13.93
C VAL B 450 14.31 -37.46 14.08
N GLU B 451 13.72 -38.06 13.05
CA GLU B 451 12.30 -38.43 13.08
C GLU B 451 11.98 -39.31 14.31
N LYS B 452 12.90 -40.23 14.62
CA LYS B 452 12.78 -41.10 15.81
C LYS B 452 12.62 -40.28 17.10
N GLN B 453 13.35 -39.16 17.20
CA GLN B 453 13.27 -38.31 18.38
C GLN B 453 12.00 -37.45 18.36
N LEU B 454 11.61 -36.95 17.19
CA LEU B 454 10.35 -36.19 17.05
C LEU B 454 9.14 -37.04 17.49
N ASP B 455 9.22 -38.33 17.16
CA ASP B 455 8.20 -39.32 17.53
C ASP B 455 8.11 -39.38 19.06
N LEU B 456 9.26 -39.55 19.70
CA LEU B 456 9.33 -39.62 21.18
C LEU B 456 8.81 -38.36 21.87
N VAL B 457 9.14 -37.17 21.33
CA VAL B 457 8.69 -35.89 21.90
C VAL B 457 7.20 -35.90 22.26
N VAL B 458 6.39 -36.40 21.33
CA VAL B 458 4.94 -36.45 21.47
C VAL B 458 4.43 -37.78 22.02
N ASN B 459 5.10 -38.89 21.70
CA ASN B 459 4.61 -40.23 22.05
C ASN B 459 5.33 -41.01 23.14
N SER B 460 6.37 -40.44 23.76
CA SER B 460 7.08 -41.10 24.84
C SER B 460 6.24 -41.08 26.12
N LYS B 461 6.39 -42.09 26.98
CA LYS B 461 5.69 -42.10 28.28
C LYS B 461 5.96 -40.83 29.09
N LYS B 462 7.21 -40.37 29.03
CA LYS B 462 7.66 -39.19 29.77
C LYS B 462 7.53 -37.90 28.96
N SER B 463 6.56 -37.87 28.04
CA SER B 463 6.34 -36.71 27.18
C SER B 463 5.58 -35.58 27.87
N HIS B 464 5.97 -34.36 27.52
CA HIS B 464 5.32 -33.14 28.00
C HIS B 464 4.56 -32.47 26.84
N ALA B 465 4.35 -33.21 25.76
CA ALA B 465 3.66 -32.73 24.57
C ALA B 465 2.49 -33.64 24.21
N ALA B 466 1.94 -34.31 25.23
CA ALA B 466 0.82 -35.24 25.04
C ALA B 466 -0.44 -34.52 24.54
N ASN B 467 -0.57 -33.24 24.89
CA ASN B 467 -1.71 -32.42 24.45
C ASN B 467 -1.76 -32.27 22.92
N TYR B 468 -0.68 -32.62 22.21
CA TYR B 468 -0.66 -32.54 20.74
C TYR B 468 -1.13 -33.81 20.04
N ARG B 469 -1.32 -34.89 20.80
CA ARG B 469 -1.83 -36.14 20.23
C ARG B 469 -3.25 -36.01 19.70
N ILE B 470 -3.54 -36.76 18.64
CA ILE B 470 -4.85 -36.75 18.00
C ILE B 470 -5.37 -38.17 18.01
N ASP B 471 -6.52 -38.37 18.64
CA ASP B 471 -7.12 -39.69 18.73
C ASP B 471 -7.31 -40.24 17.31
N GLY B 472 -6.74 -41.41 17.06
CA GLY B 472 -6.86 -42.08 15.76
C GLY B 472 -5.75 -41.83 14.76
N TYR B 473 -4.88 -40.87 15.01
CA TYR B 473 -3.76 -40.56 14.10
C TYR B 473 -2.43 -40.49 14.81
N GLU B 474 -1.37 -40.92 14.13
CA GLU B 474 -0.03 -40.92 14.68
C GLU B 474 0.65 -39.60 14.30
N VAL B 475 0.89 -38.75 15.30
CA VAL B 475 1.48 -37.41 15.12
C VAL B 475 2.88 -37.35 15.74
N GLU B 476 3.68 -36.43 15.26
CA GLU B 476 5.01 -36.19 15.80
C GLU B 476 5.37 -34.75 15.54
N GLY B 477 6.33 -34.24 16.28
CA GLY B 477 6.75 -32.86 16.10
C GLY B 477 7.58 -32.36 17.23
N LYS B 478 7.78 -31.06 17.26
CA LYS B 478 8.59 -30.41 18.29
C LYS B 478 7.89 -29.14 18.78
N THR B 479 7.93 -28.94 20.09
N THR B 479 7.92 -28.94 20.09
CA THR B 479 7.34 -27.79 20.77
CA THR B 479 7.30 -27.77 20.72
C THR B 479 8.31 -26.62 20.90
C THR B 479 8.30 -26.63 20.90
N GLY B 480 7.78 -25.41 21.01
CA GLY B 480 8.58 -24.20 21.22
C GLY B 480 7.87 -23.30 22.24
N THR B 481 8.63 -22.69 23.15
CA THR B 481 8.09 -21.77 24.18
C THR B 481 9.11 -20.65 24.39
N ALA B 482 9.24 -19.79 23.40
CA ALA B 482 10.26 -18.75 23.36
C ALA B 482 9.91 -17.41 23.98
N GLN B 483 10.94 -16.74 24.50
CA GLN B 483 10.81 -15.38 24.97
C GLN B 483 10.78 -14.50 23.72
N VAL B 484 10.09 -13.35 23.79
CA VAL B 484 9.92 -12.45 22.64
C VAL B 484 10.64 -11.12 22.85
N ALA B 485 11.40 -10.70 21.84
CA ALA B 485 12.13 -9.42 21.92
C ALA B 485 11.16 -8.24 21.93
N ALA B 486 11.45 -7.26 22.80
CA ALA B 486 10.64 -6.06 22.89
C ALA B 486 10.93 -5.18 21.65
N PRO B 487 9.89 -4.71 20.95
CA PRO B 487 10.07 -3.86 19.76
C PRO B 487 11.01 -2.67 19.97
N ASN B 488 10.78 -1.92 21.04
CA ASN B 488 11.61 -0.77 21.37
C ASN B 488 12.33 -1.03 22.68
N GLY B 489 13.60 -0.66 22.72
CA GLY B 489 14.45 -0.91 23.88
C GLY B 489 15.03 -2.29 23.75
N GLY B 490 15.84 -2.67 24.73
CA GLY B 490 16.48 -3.98 24.72
C GLY B 490 15.72 -4.97 25.58
N GLY B 491 16.22 -6.21 25.60
CA GLY B 491 15.66 -7.27 26.41
C GLY B 491 14.38 -7.88 25.86
N TYR B 492 13.83 -8.80 26.65
CA TYR B 492 12.63 -9.51 26.29
C TYR B 492 11.40 -8.89 26.91
N VAL B 493 10.24 -9.12 26.28
CA VAL B 493 8.96 -8.62 26.76
C VAL B 493 8.73 -9.20 28.17
N LYS B 494 8.22 -8.36 29.08
CA LYS B 494 7.97 -8.76 30.46
C LYS B 494 6.50 -9.10 30.68
N GLY B 495 6.25 -9.90 31.71
CA GLY B 495 4.91 -10.35 32.04
C GLY B 495 4.95 -11.72 32.68
N PRO B 496 3.78 -12.22 33.10
CA PRO B 496 3.73 -13.54 33.76
C PRO B 496 4.15 -14.70 32.86
N ASN B 497 3.70 -14.66 31.60
CA ASN B 497 4.00 -15.69 30.60
C ASN B 497 4.13 -15.02 29.22
N PRO B 498 5.16 -14.19 29.03
CA PRO B 498 5.35 -13.45 27.80
C PRO B 498 6.07 -14.28 26.76
N TYR B 499 5.37 -15.27 26.20
CA TYR B 499 5.97 -16.22 25.27
C TYR B 499 5.41 -16.29 23.86
N PHE B 500 6.26 -16.79 22.97
CA PHE B 500 5.90 -17.15 21.60
C PHE B 500 5.84 -18.67 21.64
N VAL B 501 4.62 -19.21 21.66
CA VAL B 501 4.42 -20.65 21.72
C VAL B 501 4.18 -21.19 20.33
N SER B 502 4.76 -22.35 20.03
CA SER B 502 4.62 -22.93 18.70
C SER B 502 4.78 -24.44 18.68
N PHE B 503 4.42 -25.01 17.54
CA PHE B 503 4.55 -26.44 17.31
C PHE B 503 4.74 -26.70 15.84
N MSE B 504 5.74 -27.51 15.52
CA MSE B 504 6.05 -27.93 14.16
C MSE B 504 5.76 -29.40 14.13
O MSE B 504 6.57 -30.21 14.58
CB MSE B 504 7.52 -27.65 13.90
CG MSE B 504 8.05 -28.24 12.59
SE MSE B 504 7.29 -27.31 11.02
CE MSE B 504 8.37 -25.68 11.07
N GLY B 505 4.60 -29.75 13.59
CA GLY B 505 4.16 -31.14 13.55
C GLY B 505 3.92 -31.69 12.18
N ASP B 506 3.82 -33.02 12.13
CA ASP B 506 3.55 -33.72 10.89
C ASP B 506 2.82 -35.03 11.18
N ALA B 507 2.11 -35.53 10.17
CA ALA B 507 1.35 -36.77 10.31
C ALA B 507 0.93 -37.28 8.92
N PRO B 508 0.81 -38.61 8.73
CA PRO B 508 1.11 -39.64 9.76
C PRO B 508 2.60 -39.70 10.06
N LYS B 509 2.99 -40.09 11.28
CA LYS B 509 4.42 -40.06 11.64
C LYS B 509 5.27 -40.93 10.72
N LYS B 510 6.49 -40.47 10.48
CA LYS B 510 7.49 -41.09 9.60
C LYS B 510 7.19 -40.87 8.11
N ASN B 511 5.95 -41.14 7.70
CA ASN B 511 5.51 -40.96 6.31
C ASN B 511 4.37 -39.93 6.29
N PRO B 512 4.70 -38.68 6.66
CA PRO B 512 3.63 -37.69 6.72
C PRO B 512 3.09 -37.24 5.38
N LYS B 513 1.82 -36.80 5.40
CA LYS B 513 1.16 -36.26 4.22
C LYS B 513 1.40 -34.75 4.23
N VAL B 514 1.23 -34.14 5.41
CA VAL B 514 1.40 -32.71 5.57
C VAL B 514 2.19 -32.37 6.82
N ILE B 515 2.69 -31.14 6.82
CA ILE B 515 3.40 -30.54 7.93
C ILE B 515 2.54 -29.35 8.30
N VAL B 516 2.28 -29.19 9.58
CA VAL B 516 1.53 -28.08 10.08
C VAL B 516 2.37 -27.34 11.10
N TYR B 517 2.58 -26.06 10.86
CA TYR B 517 3.35 -25.19 11.74
C TYR B 517 2.47 -24.03 12.19
N ALA B 518 2.28 -23.91 13.50
CA ALA B 518 1.49 -22.82 14.06
C ALA B 518 2.25 -22.18 15.19
N GLY B 519 2.06 -20.87 15.32
CA GLY B 519 2.72 -20.07 16.34
C GLY B 519 1.84 -18.95 16.86
N MSE B 520 1.93 -18.69 18.17
CA MSE B 520 1.14 -17.67 18.82
C MSE B 520 2.05 -16.88 19.71
O MSE B 520 2.68 -17.44 20.61
CB MSE B 520 0.04 -18.33 19.65
CG MSE B 520 -0.84 -17.25 20.26
SE MSE B 520 -2.44 -18.04 21.09
CE MSE B 520 -1.47 -19.11 22.42
N SER B 521 2.12 -15.57 19.47
CA SER B 521 2.98 -14.66 20.22
C SER B 521 2.20 -13.78 21.21
N LEU B 522 2.60 -13.89 22.48
CA LEU B 522 2.10 -13.03 23.54
C LEU B 522 0.59 -13.02 23.74
N ALA B 523 0.05 -14.11 24.25
CA ALA B 523 -1.36 -14.17 24.59
C ALA B 523 -1.64 -13.05 25.60
N GLN B 524 -2.71 -12.27 25.38
CA GLN B 524 -3.10 -11.21 26.33
C GLN B 524 -4.25 -11.69 27.23
N LYS B 525 -4.74 -12.90 26.96
CA LYS B 525 -5.81 -13.53 27.73
C LYS B 525 -5.42 -15.00 27.93
N ASN B 526 -5.76 -15.57 29.09
CA ASN B 526 -5.41 -16.99 29.36
C ASN B 526 -3.94 -17.30 29.05
N ASP B 527 -3.05 -16.37 29.42
CA ASP B 527 -1.61 -16.53 29.15
C ASP B 527 -1.03 -17.75 29.84
N GLN B 528 -1.68 -18.17 30.92
CA GLN B 528 -1.24 -19.35 31.66
C GLN B 528 -1.47 -20.62 30.85
N GLU B 529 -2.69 -20.76 30.31
CA GLU B 529 -3.04 -21.91 29.47
C GLU B 529 -2.25 -21.87 28.16
N ALA B 530 -1.95 -20.67 27.64
CA ALA B 530 -1.16 -20.55 26.43
C ALA B 530 0.20 -21.19 26.66
N TYR B 531 0.78 -20.93 27.83
CA TYR B 531 2.07 -21.50 28.21
C TYR B 531 1.99 -23.04 28.35
N GLU B 532 0.92 -23.52 28.97
CA GLU B 532 0.75 -24.96 29.21
C GLU B 532 0.37 -25.76 27.97
N LEU B 533 -0.55 -25.24 27.18
CA LEU B 533 -1.08 -25.94 26.00
C LEU B 533 -0.50 -25.53 24.66
N GLY B 534 0.31 -24.46 24.65
CA GLY B 534 0.93 -23.98 23.42
C GLY B 534 -0.12 -23.69 22.37
N VAL B 535 0.10 -24.21 21.17
CA VAL B 535 -0.86 -24.05 20.08
C VAL B 535 -1.65 -25.35 19.82
N SER B 536 -1.75 -26.21 20.83
CA SER B 536 -2.46 -27.49 20.66
C SER B 536 -3.93 -27.34 20.21
N LYS B 537 -4.61 -26.30 20.69
CA LYS B 537 -6.03 -26.09 20.32
C LYS B 537 -6.22 -25.58 18.89
N ALA B 538 -5.11 -25.33 18.19
CA ALA B 538 -5.15 -24.95 16.80
C ALA B 538 -4.65 -26.13 15.98
N PHE B 539 -3.52 -26.70 16.40
CA PHE B 539 -2.92 -27.82 15.69
C PHE B 539 -3.85 -29.01 15.53
N LYS B 540 -4.47 -29.43 16.62
CA LYS B 540 -5.34 -30.59 16.59
C LYS B 540 -6.47 -30.48 15.56
N PRO B 541 -7.32 -29.43 15.65
CA PRO B 541 -8.40 -29.34 14.65
C PRO B 541 -7.87 -29.15 13.21
N ILE B 542 -6.83 -28.33 13.02
CA ILE B 542 -6.25 -28.16 11.68
C ILE B 542 -5.74 -29.52 11.12
N MSE B 543 -4.89 -30.20 11.89
CA MSE B 543 -4.33 -31.48 11.44
C MSE B 543 -5.37 -32.55 11.27
O MSE B 543 -5.43 -33.20 10.24
CB MSE B 543 -3.23 -31.94 12.40
CG MSE B 543 -2.61 -33.27 11.98
SE MSE B 543 -1.72 -33.15 10.23
CE MSE B 543 0.03 -32.58 10.92
N GLU B 544 -6.24 -32.74 12.28
CA GLU B 544 -7.27 -33.78 12.20
C GLU B 544 -8.20 -33.58 11.02
N ASN B 545 -8.70 -32.36 10.83
CA ASN B 545 -9.58 -32.09 9.69
C ASN B 545 -8.87 -32.25 8.34
N THR B 546 -7.61 -31.83 8.30
CA THR B 546 -6.84 -31.94 7.06
C THR B 546 -6.59 -33.41 6.68
N LEU B 547 -6.21 -34.23 7.64
CA LEU B 547 -5.97 -35.67 7.38
C LEU B 547 -7.24 -36.34 6.85
N LYS B 548 -8.37 -36.10 7.52
CA LYS B 548 -9.66 -36.66 7.09
C LYS B 548 -9.97 -36.19 5.67
N TYR B 549 -9.78 -34.90 5.41
CA TYR B 549 -10.02 -34.34 4.07
C TYR B 549 -9.13 -34.97 3.01
N LEU B 550 -7.89 -35.28 3.38
CA LEU B 550 -6.97 -35.89 2.42
C LEU B 550 -7.12 -37.43 2.36
N ASN B 551 -8.10 -37.98 3.09
CA ASN B 551 -8.38 -39.43 3.07
C ASN B 551 -7.26 -40.32 3.61
N VAL B 552 -6.67 -39.86 4.72
CA VAL B 552 -5.61 -40.59 5.40
C VAL B 552 -6.27 -41.52 6.41
N GLY B 553 -5.91 -42.81 6.35
CA GLY B 553 -6.49 -43.84 7.22
C GLY B 553 -6.42 -43.59 8.72
N LYS B 554 -7.53 -43.83 9.40
CA LYS B 554 -7.66 -43.67 10.85
C LYS B 554 -8.07 -45.01 11.45
CL CL C . 13.22 12.30 -10.06
CL CL D . 5.71 -19.67 -4.91
#